data_6UQC
#
_entry.id   6UQC
#
_cell.length_a   64.270
_cell.length_b   64.400
_cell.length_c   88.980
_cell.angle_alpha   76.185
_cell.angle_beta   72.170
_cell.angle_gamma   61.482
#
_symmetry.space_group_name_H-M   'P 1'
#
loop_
_entity.id
_entity.type
_entity.pdbx_description
1 polymer 'Ig gamma-2A chain C region, membrane-bound form'
2 polymer 'Ig gamma-2A chain C region, membrane-bound form'
3 branched 2-acetamido-2-deoxy-beta-D-glucopyranose-(1-2)-alpha-D-mannopyranose-(1-3)-[alpha-D-mannopyranose-(1-6)]beta-D-mannopyranose-(1-4)-2-acetamido-2-deoxy-beta-D-glucopyranose-(1-4)-2-acetamido-2-deoxy-beta-D-glucopyranose
4 branched 2-acetamido-2-deoxy-beta-D-glucopyranose-(1-2)-alpha-D-mannopyranose-(1-3)-[2-acetamido-2-deoxy-beta-D-glucopyranose-(1-2)-alpha-D-mannopyranose-(1-6)]beta-D-mannopyranose-(1-4)-2-acetamido-2-deoxy-beta-D-glucopyranose-(1-4)-2-acetamido-2-deoxy-beta-D-glucopyranose
5 non-polymer 2-acetamido-2-deoxy-beta-D-glucopyranose
6 non-polymer alpha-L-fucopyranose
7 water water
#
loop_
_entity_poly.entity_id
_entity_poly.type
_entity_poly.pdbx_seq_one_letter_code
_entity_poly.pdbx_strand_id
1 'polypeptide(L)'
;GPSVFIFPPKIKDVLMISLSPIVTCVVVDVSEDDPDVQISWFVNNVEVHTAQTQTHREDYNSTLRVVSALPIQHQDWMSG
KEFKCKVNNKDLPAPIERTISKPKGSVRAPQVYVLPPPEKEMTKKQVSLTCMVTDFMPEDIYVEWTNNGKTELNYKNTEP
VLDSDGSYFMYSDLTVEKKNWVERNSYSCSVVHEGLHNHHTTKSFSR
;
C,D
2 'polypeptide(L)'
;GPSVFIFPPKIKDVLMISLSPIVTCVVVDVSEDDPDVQISWFVNNVEVHTAQTQTHREDYNSTLRVVSALPIQHQDWMSG
KEFKCKVNNKDLPAPIERTISKPKGSVRAPQVYVLPPPEEEMTKKQVTLTCLVKDFMPEDIYVEWTNNGKTELNYKNTEP
VLKSDGSYFMYSKLRVEKKNWVERNSYSCSVVHEGLHNHHTTESFSR
;
E,F
#
loop_
_chem_comp.id
_chem_comp.type
_chem_comp.name
_chem_comp.formula
BMA D-saccharide, beta linking beta-D-mannopyranose 'C6 H12 O6'
FUC L-saccharide, alpha linking alpha-L-fucopyranose 'C6 H12 O5'
MAN D-saccharide, alpha linking alpha-D-mannopyranose 'C6 H12 O6'
NAG D-saccharide, beta linking 2-acetamido-2-deoxy-beta-D-glucopyranose 'C8 H15 N O6'
#
# COMPACT_ATOMS: atom_id res chain seq x y z
N GLY A 1 29.42 -21.85 -16.76
CA GLY A 1 29.29 -23.00 -15.90
C GLY A 1 27.84 -23.44 -15.73
N PRO A 2 27.62 -24.57 -15.04
CA PRO A 2 26.25 -25.01 -14.78
C PRO A 2 25.50 -24.02 -13.90
N SER A 3 24.19 -23.91 -14.12
CA SER A 3 23.34 -23.12 -13.25
C SER A 3 22.17 -23.98 -12.78
N VAL A 4 21.51 -23.56 -11.70
CA VAL A 4 20.54 -24.41 -11.00
C VAL A 4 19.26 -23.61 -10.75
N PHE A 5 18.11 -24.19 -11.11
CA PHE A 5 16.80 -23.58 -10.90
C PHE A 5 15.91 -24.57 -10.15
N ILE A 6 15.12 -24.07 -9.20
CA ILE A 6 14.24 -24.95 -8.41
C ILE A 6 12.80 -24.52 -8.63
N PHE A 7 11.90 -25.50 -8.61
CA PHE A 7 10.50 -25.29 -8.99
C PHE A 7 9.56 -25.97 -7.99
N PRO A 8 8.44 -25.32 -7.69
CA PRO A 8 7.47 -25.86 -6.72
C PRO A 8 6.58 -26.90 -7.37
N PRO A 9 5.80 -27.65 -6.59
CA PRO A 9 4.81 -28.53 -7.20
C PRO A 9 3.71 -27.72 -7.87
N LYS A 10 3.05 -28.36 -8.83
CA LYS A 10 1.85 -27.79 -9.43
C LYS A 10 0.78 -27.68 -8.36
N ILE A 11 0.02 -26.58 -8.37
CA ILE A 11 -0.97 -26.35 -7.33
C ILE A 11 -1.98 -27.47 -7.29
N LYS A 12 -2.40 -27.99 -8.45
CA LYS A 12 -3.36 -29.09 -8.46
C LYS A 12 -2.78 -30.32 -7.77
N ASP A 13 -1.51 -30.62 -8.03
CA ASP A 13 -0.88 -31.81 -7.46
C ASP A 13 -0.79 -31.72 -5.95
N VAL A 14 -0.45 -30.53 -5.43
CA VAL A 14 -0.21 -30.44 -4.00
C VAL A 14 -1.51 -30.23 -3.21
N LEU A 15 -2.57 -29.74 -3.86
CA LEU A 15 -3.83 -29.60 -3.13
C LEU A 15 -4.70 -30.85 -3.17
N MET A 16 -4.48 -31.74 -4.14
CA MET A 16 -5.28 -32.94 -4.34
C MET A 16 -4.53 -34.16 -3.82
N ILE A 17 -5.09 -34.81 -2.79
CA ILE A 17 -4.43 -35.96 -2.16
C ILE A 17 -4.24 -37.10 -3.14
N SER A 18 -5.10 -37.22 -4.13
CA SER A 18 -4.93 -38.30 -5.11
C SER A 18 -3.76 -38.06 -6.06
N LEU A 19 -3.20 -36.85 -6.12
CA LEU A 19 -2.17 -36.54 -7.10
C LEU A 19 -0.80 -36.57 -6.44
N SER A 20 0.25 -36.36 -7.25
CA SER A 20 1.64 -36.60 -6.84
C SER A 20 2.50 -35.35 -6.97
N PRO A 21 2.57 -34.53 -5.93
CA PRO A 21 3.35 -33.30 -6.02
C PRO A 21 4.85 -33.57 -6.05
N ILE A 22 5.57 -32.74 -6.80
CA ILE A 22 7.00 -32.89 -7.00
C ILE A 22 7.67 -31.54 -6.88
N VAL A 23 8.82 -31.51 -6.20
CA VAL A 23 9.72 -30.36 -6.22
C VAL A 23 10.83 -30.68 -7.19
N THR A 24 11.16 -29.76 -8.10
CA THR A 24 12.09 -30.10 -9.17
C THR A 24 13.31 -29.19 -9.13
N CYS A 25 14.50 -29.77 -9.26
CA CYS A 25 15.75 -29.03 -9.35
C CYS A 25 16.33 -29.32 -10.73
N VAL A 26 16.58 -28.27 -11.50
CA VAL A 26 17.06 -28.40 -12.88
C VAL A 26 18.44 -27.76 -12.96
N VAL A 27 19.42 -28.52 -13.45
CA VAL A 27 20.78 -28.06 -13.66
C VAL A 27 20.93 -27.85 -15.16
N VAL A 28 21.09 -26.60 -15.56
CA VAL A 28 21.15 -26.20 -16.95
C VAL A 28 22.61 -26.00 -17.35
N ASP A 29 22.92 -26.29 -18.63
CA ASP A 29 24.26 -26.03 -19.18
C ASP A 29 25.30 -26.92 -18.51
N VAL A 30 24.96 -28.19 -18.33
CA VAL A 30 25.94 -29.20 -17.96
C VAL A 30 26.81 -29.47 -19.18
N SER A 31 28.09 -29.71 -18.94
CA SER A 31 29.04 -29.83 -20.03
C SER A 31 29.29 -31.30 -20.37
N GLU A 32 29.43 -31.57 -21.68
CA GLU A 32 29.84 -32.89 -22.13
C GLU A 32 31.09 -33.39 -21.41
N ASP A 33 31.99 -32.47 -21.03
CA ASP A 33 33.29 -32.86 -20.48
C ASP A 33 33.20 -33.29 -19.01
N ASP A 34 32.28 -32.71 -18.25
CA ASP A 34 32.06 -33.06 -16.84
C ASP A 34 30.55 -33.20 -16.63
N PRO A 35 29.96 -34.28 -17.14
CA PRO A 35 28.49 -34.40 -17.10
C PRO A 35 27.94 -35.05 -15.84
N ASP A 36 28.80 -35.55 -14.95
CA ASP A 36 28.37 -36.38 -13.82
C ASP A 36 27.98 -35.49 -12.64
N VAL A 37 26.76 -34.98 -12.69
CA VAL A 37 26.24 -34.12 -11.62
C VAL A 37 25.71 -35.00 -10.50
N GLN A 38 26.04 -34.64 -9.25
CA GLN A 38 25.49 -35.33 -8.09
C GLN A 38 24.52 -34.37 -7.42
N ILE A 39 23.28 -34.80 -7.24
CA ILE A 39 22.25 -33.94 -6.65
C ILE A 39 21.70 -34.62 -5.40
N SER A 40 21.82 -33.95 -4.27
CA SER A 40 21.30 -34.43 -3.00
C SER A 40 20.13 -33.57 -2.54
N TRP A 41 19.21 -34.17 -1.79
CA TRP A 41 17.97 -33.50 -1.42
C TRP A 41 17.76 -33.52 0.09
N PHE A 42 17.18 -32.43 0.59
CA PHE A 42 16.99 -32.21 2.02
C PHE A 42 15.61 -31.60 2.26
N VAL A 43 14.89 -32.15 3.24
CA VAL A 43 13.62 -31.59 3.70
C VAL A 43 13.84 -31.12 5.12
N ASN A 44 13.75 -29.80 5.35
CA ASN A 44 14.14 -29.22 6.63
C ASN A 44 15.45 -29.79 7.14
N ASN A 45 16.43 -29.77 6.24
CA ASN A 45 17.83 -30.14 6.47
C ASN A 45 18.00 -31.62 6.79
N VAL A 46 16.95 -32.42 6.71
CA VAL A 46 17.07 -33.88 6.82
C VAL A 46 17.18 -34.47 5.42
N GLU A 47 18.23 -35.25 5.19
CA GLU A 47 18.46 -35.73 3.83
C GLU A 47 17.48 -36.84 3.47
N VAL A 48 17.03 -36.80 2.21
CA VAL A 48 16.08 -37.77 1.68
C VAL A 48 16.63 -38.31 0.36
N HIS A 49 16.21 -39.54 0.01
CA HIS A 49 16.91 -40.31 -1.01
C HIS A 49 15.98 -40.80 -2.12
N THR A 50 14.81 -40.21 -2.28
CA THR A 50 13.79 -40.72 -3.18
C THR A 50 13.72 -40.00 -4.52
N ALA A 51 14.54 -38.97 -4.74
CA ALA A 51 14.47 -38.20 -5.98
C ALA A 51 14.88 -39.05 -7.18
N GLN A 52 14.27 -38.74 -8.32
CA GLN A 52 14.57 -39.38 -9.60
C GLN A 52 15.31 -38.37 -10.46
N THR A 53 16.51 -38.73 -10.91
CA THR A 53 17.39 -37.79 -11.61
C THR A 53 17.75 -38.32 -13.00
N GLN A 54 17.64 -37.46 -14.01
CA GLN A 54 17.87 -37.89 -15.40
C GLN A 54 18.57 -36.79 -16.17
N THR A 55 19.43 -37.18 -17.11
CA THR A 55 20.09 -36.24 -18.00
C THR A 55 19.40 -36.23 -19.36
N HIS A 56 19.19 -35.02 -19.90
CA HIS A 56 18.48 -34.77 -21.14
C HIS A 56 19.36 -33.92 -22.05
N ARG A 57 19.25 -34.17 -23.36
CA ARG A 57 19.85 -33.27 -24.35
C ARG A 57 18.86 -32.18 -24.70
N GLU A 58 19.36 -30.96 -24.83
CA GLU A 58 18.58 -29.84 -25.36
C GLU A 58 19.08 -29.59 -26.77
N ASP A 59 18.27 -30.02 -27.75
CA ASP A 59 18.64 -29.92 -29.16
C ASP A 59 18.50 -28.51 -29.72
N TYR A 60 17.76 -27.63 -29.03
CA TYR A 60 17.67 -26.23 -29.46
C TYR A 60 19.05 -25.60 -29.56
N ASN A 61 19.95 -25.91 -28.62
CA ASN A 61 21.29 -25.35 -28.61
C ASN A 61 22.36 -26.38 -28.25
N SER A 62 22.06 -27.67 -28.42
CA SER A 62 23.03 -28.75 -28.24
C SER A 62 23.72 -28.68 -26.87
N THR A 63 22.91 -28.61 -25.81
CA THR A 63 23.42 -28.57 -24.44
C THR A 63 22.90 -29.75 -23.64
N LEU A 64 23.36 -29.86 -22.39
CA LEU A 64 22.84 -30.84 -21.45
C LEU A 64 22.10 -30.19 -20.28
N ARG A 65 21.12 -30.94 -19.78
CA ARG A 65 20.24 -30.54 -18.69
C ARG A 65 20.04 -31.74 -17.79
N VAL A 66 20.22 -31.56 -16.48
CA VAL A 66 19.95 -32.63 -15.52
C VAL A 66 18.73 -32.23 -14.72
N VAL A 67 17.73 -33.10 -14.68
CA VAL A 67 16.46 -32.82 -14.03
C VAL A 67 16.31 -33.81 -12.88
N SER A 68 16.14 -33.28 -11.67
CA SER A 68 15.99 -34.10 -10.48
C SER A 68 14.63 -33.79 -9.87
N ALA A 69 13.79 -34.82 -9.75
CA ALA A 69 12.39 -34.68 -9.36
C ALA A 69 12.20 -35.37 -8.01
N LEU A 70 11.93 -34.59 -6.97
CA LEU A 70 11.72 -35.09 -5.62
C LEU A 70 10.23 -35.25 -5.37
N PRO A 71 9.74 -36.47 -5.14
CA PRO A 71 8.34 -36.64 -4.73
C PRO A 71 8.16 -36.18 -3.28
N ILE A 72 7.11 -35.40 -3.04
CA ILE A 72 6.96 -34.77 -1.74
C ILE A 72 5.58 -35.10 -1.15
N GLN A 73 5.50 -34.89 0.16
CA GLN A 73 4.28 -35.05 0.94
C GLN A 73 3.47 -33.78 0.86
N HIS A 74 2.18 -33.90 0.52
CA HIS A 74 1.31 -32.73 0.41
C HIS A 74 1.41 -31.85 1.66
N GLN A 75 1.25 -32.47 2.84
CA GLN A 75 1.22 -31.68 4.07
C GLN A 75 2.57 -31.01 4.34
N ASP A 76 3.67 -31.64 3.91
CA ASP A 76 4.97 -31.01 4.10
C ASP A 76 5.06 -29.70 3.33
N TRP A 77 4.52 -29.66 2.10
CA TRP A 77 4.47 -28.39 1.39
C TRP A 77 3.54 -27.41 2.09
N MET A 78 2.31 -27.85 2.42
CA MET A 78 1.32 -26.91 2.93
C MET A 78 1.72 -26.35 4.29
N SER A 79 2.44 -27.13 5.10
CA SER A 79 2.85 -26.63 6.42
C SER A 79 4.12 -25.78 6.36
N GLY A 80 4.70 -25.57 5.17
CA GLY A 80 5.79 -24.65 5.03
C GLY A 80 7.18 -25.22 5.19
N LYS A 81 7.34 -26.54 5.11
CA LYS A 81 8.67 -27.11 5.18
C LYS A 81 9.51 -26.67 3.99
N GLU A 82 10.85 -26.56 4.20
CA GLU A 82 11.78 -26.12 3.17
C GLU A 82 12.41 -27.30 2.43
N PHE A 83 12.49 -27.18 1.11
CA PHE A 83 12.98 -28.22 0.21
C PHE A 83 14.23 -27.70 -0.46
N LYS A 84 15.34 -28.43 -0.30
CA LYS A 84 16.66 -27.96 -0.70
C LYS A 84 17.38 -29.01 -1.53
N CYS A 85 17.88 -28.60 -2.68
CA CYS A 85 18.76 -29.44 -3.50
C CYS A 85 20.17 -28.86 -3.45
N LYS A 86 21.15 -29.74 -3.30
CA LYS A 86 22.56 -29.39 -3.36
C LYS A 86 23.15 -30.10 -4.57
N VAL A 87 23.76 -29.32 -5.47
CA VAL A 87 24.30 -29.77 -6.74
C VAL A 87 25.82 -29.72 -6.68
N ASN A 88 26.46 -30.86 -6.90
CA ASN A 88 27.90 -31.02 -6.97
C ASN A 88 28.31 -31.43 -8.37
N ASN A 89 29.46 -30.92 -8.81
CA ASN A 89 30.10 -31.36 -10.04
C ASN A 89 31.56 -30.94 -9.94
N LYS A 90 32.44 -31.67 -10.62
CA LYS A 90 33.85 -31.33 -10.51
C LYS A 90 34.15 -29.96 -11.12
N ASP A 91 33.44 -29.56 -12.16
CA ASP A 91 33.63 -28.26 -12.76
C ASP A 91 32.92 -27.15 -11.95
N LEU A 92 32.47 -27.46 -10.73
CA LEU A 92 31.90 -26.43 -9.87
C LEU A 92 32.90 -26.08 -8.78
N PRO A 93 33.19 -24.79 -8.58
CA PRO A 93 34.13 -24.42 -7.51
C PRO A 93 33.63 -24.79 -6.13
N ALA A 94 32.33 -24.66 -5.90
CA ALA A 94 31.70 -25.06 -4.65
C ALA A 94 30.31 -25.55 -4.97
N PRO A 95 29.71 -26.36 -4.09
CA PRO A 95 28.33 -26.82 -4.35
C PRO A 95 27.39 -25.65 -4.58
N ILE A 96 26.33 -25.90 -5.33
CA ILE A 96 25.27 -24.91 -5.52
C ILE A 96 24.04 -25.41 -4.80
N GLU A 97 23.41 -24.56 -4.01
CA GLU A 97 22.27 -24.96 -3.22
C GLU A 97 21.07 -24.13 -3.61
N ARG A 98 19.89 -24.76 -3.62
CA ARG A 98 18.65 -24.06 -3.87
C ARG A 98 17.62 -24.54 -2.87
N THR A 99 16.80 -23.61 -2.39
CA THR A 99 15.75 -23.88 -1.43
C THR A 99 14.44 -23.29 -1.93
N ILE A 100 13.34 -23.97 -1.62
CA ILE A 100 12.02 -23.47 -1.97
C ILE A 100 11.05 -23.91 -0.87
N SER A 101 10.03 -23.08 -0.66
CA SER A 101 8.98 -23.39 0.30
C SER A 101 7.72 -22.64 -0.12
N LYS A 102 6.59 -23.05 0.46
CA LYS A 102 5.32 -22.42 0.16
C LYS A 102 5.35 -20.96 0.61
N PRO A 103 5.09 -20.01 -0.27
CA PRO A 103 5.12 -18.60 0.13
C PRO A 103 4.10 -18.29 1.21
N LYS A 104 4.48 -17.38 2.11
CA LYS A 104 3.55 -16.91 3.13
C LYS A 104 2.52 -15.96 2.52
N GLY A 105 1.37 -15.86 3.17
CA GLY A 105 0.40 -14.85 2.81
C GLY A 105 -0.99 -15.26 3.25
N SER A 106 -1.91 -14.30 3.09
CA SER A 106 -3.30 -14.54 3.45
C SER A 106 -3.95 -15.48 2.46
N VAL A 107 -4.98 -16.20 2.93
CA VAL A 107 -5.75 -17.10 2.10
C VAL A 107 -7.18 -16.58 2.04
N ARG A 108 -7.69 -16.42 0.84
CA ARG A 108 -9.08 -16.06 0.62
C ARG A 108 -9.65 -16.97 -0.45
N ALA A 109 -10.76 -17.64 -0.14
CA ALA A 109 -11.36 -18.61 -1.04
C ALA A 109 -11.99 -17.90 -2.22
N PRO A 110 -11.95 -18.48 -3.41
CA PRO A 110 -12.59 -17.84 -4.56
C PRO A 110 -14.12 -17.86 -4.47
N GLN A 111 -14.71 -16.79 -4.99
CA GLN A 111 -16.13 -16.78 -5.32
C GLN A 111 -16.26 -17.28 -6.75
N VAL A 112 -17.14 -18.25 -6.96
CA VAL A 112 -17.21 -18.95 -8.24
C VAL A 112 -18.62 -18.80 -8.79
N TYR A 113 -18.72 -18.33 -10.03
CA TYR A 113 -20.01 -18.12 -10.65
C TYR A 113 -19.99 -18.73 -12.04
N VAL A 114 -21.11 -19.28 -12.50
CA VAL A 114 -21.20 -19.67 -13.91
C VAL A 114 -22.20 -18.76 -14.60
N LEU A 115 -21.83 -18.28 -15.78
CA LEU A 115 -22.60 -17.30 -16.52
C LEU A 115 -23.09 -17.96 -17.79
N PRO A 116 -24.37 -17.79 -18.14
CA PRO A 116 -24.91 -18.35 -19.37
C PRO A 116 -24.41 -17.59 -20.59
N PRO A 117 -24.69 -18.08 -21.79
CA PRO A 117 -24.25 -17.36 -23.00
C PRO A 117 -24.88 -15.99 -23.09
N PRO A 118 -24.24 -15.05 -23.78
CA PRO A 118 -24.93 -13.81 -24.13
C PRO A 118 -26.18 -14.13 -24.92
N GLU A 119 -27.26 -13.38 -24.66
CA GLU A 119 -28.50 -13.67 -25.38
C GLU A 119 -28.32 -13.54 -26.89
N LYS A 120 -27.51 -12.57 -27.33
CA LYS A 120 -27.27 -12.39 -28.75
C LYS A 120 -26.49 -13.54 -29.38
N GLU A 120 -27.51 -12.57 -27.33
CA GLU A 120 -27.25 -12.40 -28.76
C GLU A 120 -26.64 -13.65 -29.36
N GLU A 121 -25.92 -14.44 -28.56
CA GLU A 121 -25.18 -15.56 -29.10
C GLU A 121 -26.04 -16.82 -29.19
N MET A 122 -27.18 -16.86 -28.50
CA MET A 122 -27.97 -18.09 -28.37
C MET A 122 -28.49 -18.64 -29.69
N THR A 123 -28.63 -17.81 -30.71
CA THR A 123 -29.04 -18.32 -32.01
C THR A 123 -27.89 -18.78 -32.89
N LYS A 124 -26.65 -18.75 -32.40
CA LYS A 124 -25.53 -19.22 -33.21
C LYS A 124 -25.37 -20.73 -33.01
N LYS A 125 -24.52 -21.33 -33.85
CA LYS A 125 -24.32 -22.77 -33.77
C LYS A 125 -23.55 -23.18 -32.52
N GLN A 126 -22.74 -22.28 -31.98
CA GLN A 126 -21.95 -22.52 -30.78
C GLN A 126 -22.18 -21.37 -29.79
N VAL A 127 -22.20 -21.70 -28.50
CA VAL A 127 -22.37 -20.69 -27.46
C VAL A 127 -21.21 -20.86 -26.47
N SER A 128 -21.02 -19.81 -25.68
CA SER A 128 -19.95 -19.73 -24.70
C SER A 128 -20.55 -19.80 -23.30
N THR A 128 -20.98 -19.81 -25.69
CA THR A 128 -19.90 -19.86 -24.72
C THR A 128 -20.47 -19.76 -23.31
N LEU A 129 -20.01 -20.66 -22.45
CA LEU A 129 -20.36 -20.68 -21.04
C LEU A 129 -19.18 -20.13 -20.26
N THR A 130 -19.42 -19.25 -19.30
CA THR A 130 -18.30 -18.56 -18.66
C THR A 130 -18.25 -18.90 -17.18
N CYS A 131 -17.11 -19.39 -16.71
CA CYS A 131 -16.90 -19.58 -15.28
C CYS A 131 -16.05 -18.40 -14.79
N MET A 132 -16.64 -17.58 -13.94
CA MET A 132 -15.97 -16.40 -13.40
C MET A 132 -15.54 -16.70 -11.97
N LEU A 132 -16.64 -17.58 -13.94
CA LEU A 132 -15.98 -16.40 -13.39
C LEU A 132 -15.53 -16.72 -11.97
N VAL A 133 -14.23 -16.61 -11.72
CA VAL A 133 -13.64 -17.02 -10.45
C VAL A 133 -12.90 -15.80 -9.91
N THR A 134 -13.39 -15.23 -8.81
CA THR A 134 -12.94 -13.92 -8.34
C THR A 134 -12.52 -13.99 -6.88
N LYS A 134 -13.38 -15.21 -8.83
CA LYS A 134 -12.84 -13.93 -8.38
C LYS A 134 -12.55 -13.96 -6.89
N ASP A 135 -11.81 -12.93 -6.45
CA ASP A 135 -11.66 -12.59 -5.03
C ASP A 135 -10.90 -13.67 -4.26
N PHE A 136 -9.83 -14.19 -4.86
CA PHE A 136 -9.09 -15.28 -4.23
C PHE A 136 -7.63 -14.91 -4.01
N MET A 137 -7.03 -15.50 -2.99
CA MET A 137 -5.61 -15.30 -2.60
C MET A 137 -5.19 -16.63 -2.00
N PRO A 138 -4.00 -17.15 -2.33
CA PRO A 138 -3.03 -16.62 -3.29
C PRO A 138 -3.47 -16.91 -4.72
N GLU A 139 -2.64 -16.55 -5.72
CA GLU A 139 -3.09 -16.65 -7.11
C GLU A 139 -3.12 -18.08 -7.61
N ASP A 140 -2.45 -18.99 -6.91
CA ASP A 140 -2.31 -20.38 -7.35
C ASP A 140 -3.68 -21.03 -7.35
N ILE A 141 -4.10 -21.54 -8.51
CA ILE A 141 -5.46 -22.03 -8.64
C ILE A 141 -5.52 -22.97 -9.84
N TYR A 142 -6.50 -23.87 -9.83
CA TYR A 142 -6.78 -24.78 -10.93
C TYR A 142 -8.26 -24.76 -11.24
N VAL A 143 -8.63 -24.61 -12.52
CA VAL A 143 -10.03 -24.54 -12.90
C VAL A 143 -10.27 -25.46 -14.10
N GLU A 144 -11.41 -26.16 -14.09
CA GLU A 144 -11.80 -26.95 -15.26
C GLU A 144 -13.31 -26.94 -15.40
N TRP A 145 -13.78 -27.28 -16.60
CA TRP A 145 -15.18 -27.57 -16.87
C TRP A 145 -15.41 -29.07 -17.00
N THR A 146 -16.59 -29.51 -16.56
CA THR A 146 -17.04 -30.90 -16.69
C THR A 146 -18.48 -30.92 -17.20
N ASN A 147 -18.85 -32.02 -17.85
CA ASN A 147 -20.25 -32.29 -18.16
C ASN A 147 -20.50 -33.74 -17.74
N ASN A 148 -21.52 -33.95 -16.91
CA ASN A 148 -21.83 -35.28 -16.38
C ASN A 148 -20.67 -35.83 -15.55
N GLY A 149 -19.94 -34.95 -14.88
CA GLY A 149 -18.78 -35.32 -14.10
C GLY A 149 -17.50 -35.58 -14.87
N LYS A 150 -17.57 -35.72 -16.20
CA LYS A 150 -16.37 -35.92 -17.01
C LYS A 150 -15.78 -34.61 -17.48
N THR A 151 -14.45 -34.49 -17.37
CA THR A 151 -13.76 -33.28 -17.79
C THR A 151 -14.00 -32.99 -19.27
N GLU A 152 -14.40 -31.76 -19.56
CA GLU A 152 -14.62 -31.31 -20.94
C GLU A 152 -13.32 -31.23 -21.72
N LEU A 153 -13.45 -31.00 -23.02
CA LEU A 153 -12.29 -30.83 -23.87
C LEU A 153 -12.11 -29.41 -24.36
N ASN A 154 -13.17 -28.73 -24.78
CA ASN A 154 -13.03 -27.44 -25.45
C ASN A 154 -13.24 -26.27 -24.47
N TYR A 155 -12.41 -26.24 -23.43
CA TYR A 155 -12.41 -25.12 -22.49
C TYR A 155 -11.00 -24.56 -22.41
N LYS A 156 -10.90 -23.26 -22.15
CA LYS A 156 -9.63 -22.54 -22.05
C LYS A 156 -9.69 -21.53 -20.92
N ASN A 157 -8.60 -21.41 -20.14
CA ASN A 157 -8.58 -20.54 -18.98
C ASN A 157 -7.73 -19.30 -19.21
N THR A 158 -8.10 -18.20 -18.59
CA THR A 158 -7.17 -17.09 -18.52
C THR A 158 -6.21 -17.30 -17.36
N GLU A 159 -5.08 -16.63 -17.42
CA GLU A 159 -4.22 -16.60 -16.26
C GLU A 159 -4.78 -15.61 -15.24
N PRO A 160 -4.56 -15.85 -13.95
CA PRO A 160 -5.12 -14.96 -12.93
C PRO A 160 -4.60 -13.54 -13.07
N VAL A 161 -5.47 -12.58 -12.80
CA VAL A 161 -5.12 -11.16 -12.86
C VAL A 161 -5.22 -10.55 -11.47
N LEU A 162 -4.21 -9.77 -11.08
CA LEU A 162 -4.22 -9.09 -9.79
C LEU A 162 -5.19 -7.92 -9.81
N ASP A 163 -6.11 -7.91 -8.86
CA ASP A 163 -7.01 -6.78 -8.67
C ASP A 163 -6.38 -5.75 -7.73
N LYS A 163 -6.11 -7.90 -8.87
CA LYS A 163 -6.99 -6.75 -8.73
C LYS A 163 -6.38 -5.76 -7.74
N SER A 164 -7.01 -4.58 -7.67
CA SER A 164 -6.49 -3.49 -6.84
C SER A 164 -6.37 -3.89 -5.38
N ASP A 165 -7.36 -4.62 -4.85
CA ASP A 165 -7.41 -5.00 -3.45
C ASP A 165 -6.48 -6.14 -3.08
N GLY A 166 -5.71 -6.66 -4.02
CA GLY A 166 -4.80 -7.75 -3.73
C GLY A 166 -5.36 -9.11 -4.06
N SER A 167 -6.64 -9.20 -4.40
CA SER A 167 -7.20 -10.47 -4.78
C SER A 167 -6.96 -10.69 -6.27
N TYR A 168 -7.18 -11.93 -6.70
CA TYR A 168 -6.99 -12.32 -8.09
C TYR A 168 -8.32 -12.75 -8.67
N PHE A 169 -8.40 -12.74 -10.00
CA PHE A 169 -9.58 -13.25 -10.68
C PHE A 169 -9.13 -13.87 -12.00
N MET A 170 -9.94 -14.80 -12.49
CA MET A 170 -9.70 -15.41 -13.79
C MET A 170 -11.05 -15.85 -14.33
N TYR A 171 -11.04 -16.26 -15.58
CA TYR A 171 -12.22 -16.80 -16.24
C TYR A 171 -11.85 -18.11 -16.91
N SER A 172 -12.83 -19.02 -17.03
CA SER A 172 -12.68 -20.22 -17.84
C SER A 172 -13.80 -20.21 -18.85
N ASP A 173 -13.46 -20.32 -20.13
CA ASP A 173 -14.39 -20.20 -21.25
C ASP A 173 -14.62 -21.59 -21.85
N LYS A 173 -13.45 -20.23 -20.14
CA LYS A 173 -14.40 -20.24 -21.24
C LYS A 173 -14.61 -21.68 -21.70
N LEU A 174 -15.86 -22.08 -21.76
CA LEU A 174 -16.27 -23.35 -22.34
C LEU A 174 -17.14 -23.09 -23.56
N THR A 175 -16.72 -23.55 -24.73
CA THR A 175 -17.51 -23.40 -25.95
C THR A 175 -18.19 -24.72 -26.29
N ARG A 175 -16.69 -23.55 -24.72
CA ARG A 175 -17.45 -23.49 -25.96
C ARG A 175 -18.21 -24.79 -26.16
N VAL A 176 -19.52 -24.69 -26.38
CA VAL A 176 -20.32 -25.89 -26.60
C VAL A 176 -21.23 -25.67 -27.79
N GLU A 177 -21.69 -26.78 -28.37
CA GLU A 177 -22.69 -26.69 -29.42
C GLU A 177 -23.98 -26.20 -28.79
N LYS A 178 -24.62 -25.22 -29.46
CA LYS A 178 -25.83 -24.61 -28.92
C LYS A 178 -26.91 -25.66 -28.64
N LYS A 179 -27.02 -26.65 -29.53
CA LYS A 179 -27.93 -27.78 -29.33
C LYS A 179 -27.72 -28.42 -27.96
N ASN A 180 -26.47 -28.64 -27.57
CA ASN A 180 -26.18 -29.30 -26.30
C ASN A 180 -26.48 -28.39 -25.10
N TRP A 181 -26.29 -27.08 -25.25
CA TRP A 181 -26.72 -26.15 -24.19
C TRP A 181 -28.23 -26.14 -24.02
N VAL A 182 -28.96 -26.10 -25.14
CA VAL A 182 -30.42 -26.00 -25.04
C VAL A 182 -31.02 -27.26 -24.44
N GLU A 183 -30.53 -28.43 -24.86
CA GLU A 183 -31.04 -29.68 -24.30
C GLU A 183 -30.45 -29.91 -22.91
N ARG A 184 -31.06 -30.81 -22.16
CA ARG A 184 -30.63 -31.02 -20.78
C ARG A 184 -29.16 -31.43 -20.70
N ASN A 185 -28.44 -30.85 -19.76
CA ASN A 185 -27.00 -31.02 -19.65
C ASN A 185 -26.65 -30.82 -18.18
N SER A 186 -25.39 -31.01 -17.84
CA SER A 186 -24.94 -30.75 -16.48
C SER A 186 -23.60 -30.03 -16.50
N TYR A 187 -23.46 -29.05 -17.38
CA TYR A 187 -22.19 -28.31 -17.45
C TYR A 187 -21.88 -27.65 -16.11
N SER A 188 -20.67 -27.89 -15.61
CA SER A 188 -20.28 -27.45 -14.28
C SER A 188 -18.84 -27.00 -14.30
N CYS A 189 -18.52 -26.03 -13.46
CA CYS A 189 -17.18 -25.50 -13.30
C CYS A 189 -16.62 -26.00 -11.97
N SER A 190 -15.42 -26.60 -11.99
CA SER A 190 -14.73 -27.09 -10.80
C SER A 190 -13.48 -26.26 -10.55
N VAL A 191 -13.28 -25.87 -9.29
CA VAL A 191 -12.18 -24.99 -8.91
C VAL A 191 -11.46 -25.66 -7.74
N VAL A 192 -10.12 -25.74 -7.86
CA VAL A 192 -9.22 -26.26 -6.83
C VAL A 192 -8.36 -25.10 -6.34
N HIS A 193 -8.48 -24.80 -5.04
CA HIS A 193 -7.82 -23.66 -4.41
C HIS A 193 -7.70 -23.95 -2.91
N GLU A 194 -6.62 -23.43 -2.31
CA GLU A 194 -6.33 -23.67 -0.89
C GLU A 194 -7.45 -23.26 0.04
N GLY A 195 -8.23 -22.24 -0.31
CA GLY A 195 -9.21 -21.69 0.62
C GLY A 195 -10.54 -22.42 0.67
N LEU A 196 -10.74 -23.39 -0.20
CA LEU A 196 -12.02 -24.09 -0.35
C LEU A 196 -12.08 -25.33 0.55
N HIS A 197 -13.30 -25.71 0.88
CA HIS A 197 -13.53 -26.94 1.63
C HIS A 197 -13.00 -28.16 0.87
N ASN A 198 -12.11 -28.92 1.52
CA ASN A 198 -11.37 -30.00 0.84
C ASN A 198 -10.68 -29.49 -0.43
N HIS A 199 -10.39 -28.19 -0.48
CA HIS A 199 -9.64 -27.58 -1.57
C HIS A 199 -10.39 -27.64 -2.89
N HIS A 200 -11.70 -27.77 -2.86
CA HIS A 200 -12.44 -28.04 -4.11
C HIS A 200 -13.84 -27.44 -3.99
N THR A 201 -14.34 -26.90 -5.11
CA THR A 201 -15.75 -26.57 -5.16
C THR A 201 -16.22 -26.74 -6.59
N THR A 202 -17.53 -26.90 -6.78
CA THR A 202 -18.12 -26.93 -8.11
C THR A 202 -19.31 -25.98 -8.15
N LYS A 203 -19.60 -25.46 -9.35
CA LYS A 203 -20.72 -24.55 -9.56
C LYS A 203 -21.44 -24.97 -10.84
N GLU A 203 -19.59 -25.44 -9.33
CA GLU A 203 -20.75 -24.58 -9.53
C GLU A 203 -21.45 -24.98 -10.83
N SER A 204 -22.77 -25.12 -10.75
CA SER A 204 -23.59 -25.57 -11.87
C SER A 204 -24.70 -24.56 -12.12
N PHE A 205 -25.35 -24.70 -13.29
CA PHE A 205 -26.46 -23.86 -13.72
C PHE A 205 -27.80 -24.33 -13.16
N SER A 206 -28.87 -23.70 -13.66
CA SER A 206 -30.26 -24.17 -13.57
C SER A 206 -30.67 -24.51 -12.15
N ARG A 207 -30.09 -23.81 -11.18
CA ARG A 207 -30.30 -24.13 -9.77
C ARG A 207 -31.10 -23.02 -9.08
N GLY B 1 6.27 23.08 48.59
CA GLY B 1 7.03 24.29 48.35
C GLY B 1 6.98 24.74 46.91
N PRO B 2 7.56 25.90 46.60
CA PRO B 2 7.61 26.34 45.20
C PRO B 2 8.45 25.38 44.38
N SER B 3 8.06 25.17 43.13
CA SER B 3 8.88 24.39 42.23
C SER B 3 9.12 25.18 40.94
N VAL B 4 10.15 24.80 40.19
CA VAL B 4 10.68 25.63 39.10
C VAL B 4 10.86 24.77 37.84
N PHE B 5 10.40 25.30 36.71
CA PHE B 5 10.51 24.64 35.41
C PHE B 5 11.13 25.60 34.40
N ILE B 6 11.98 25.10 33.51
CA ILE B 6 12.60 25.96 32.51
C ILE B 6 12.21 25.47 31.13
N PHE B 7 12.06 26.40 30.19
CA PHE B 7 11.52 26.13 28.86
C PHE B 7 12.37 26.79 27.78
N PRO B 8 12.59 26.09 26.67
CA PRO B 8 13.42 26.62 25.58
C PRO B 8 12.61 27.62 24.76
N PRO B 9 13.25 28.34 23.85
CA PRO B 9 12.50 29.16 22.90
C PRO B 9 11.72 28.29 21.91
N LYS B 10 10.69 28.88 21.33
CA LYS B 10 10.01 28.23 20.22
C LYS B 10 10.97 28.12 19.05
N ILE B 11 10.92 26.99 18.34
CA ILE B 11 11.85 26.75 17.25
C ILE B 11 11.73 27.82 16.16
N LYS B 12 10.50 28.26 15.85
CA LYS B 12 10.37 29.32 14.85
C LYS B 12 11.06 30.60 15.29
N ASP B 13 10.91 30.96 16.57
CA ASP B 13 11.50 32.19 17.07
C ASP B 13 13.01 32.15 17.01
N VAL B 14 13.59 31.00 17.33
CA VAL B 14 15.04 30.96 17.46
C VAL B 14 15.69 30.72 16.11
N LEU B 15 14.96 30.19 15.10
CA LEU B 15 15.55 30.02 13.78
C LEU B 15 15.36 31.23 12.86
N MET B 16 14.41 32.10 13.15
CA MET B 16 14.10 33.27 12.33
C MET B 16 14.63 34.53 13.00
N ILE B 17 15.59 35.19 12.34
CA ILE B 17 16.22 36.38 12.91
C ILE B 17 15.21 37.50 13.15
N SER B 18 14.11 37.54 12.39
CA SER B 18 13.11 38.58 12.63
C SER B 18 12.30 38.37 13.90
N LEU B 19 12.36 37.18 14.51
CA LEU B 19 11.52 36.90 15.67
C LEU B 19 12.34 37.01 16.94
N SER B 20 11.68 36.84 18.08
CA SER B 20 12.25 37.15 19.40
C SER B 20 12.26 35.91 20.29
N PRO B 21 13.33 35.11 20.26
CA PRO B 21 13.38 33.91 21.09
C PRO B 21 13.52 34.25 22.56
N ILE B 22 12.89 33.42 23.39
CA ILE B 22 12.83 33.62 24.84
C ILE B 22 13.06 32.29 25.56
N VAL B 23 13.86 32.33 26.62
CA VAL B 23 13.96 31.20 27.55
C VAL B 23 13.11 31.55 28.76
N THR B 24 12.29 30.62 29.21
CA THR B 24 11.31 30.96 30.24
C THR B 24 11.55 30.12 31.48
N CYS B 25 11.54 30.75 32.65
CA CYS B 25 11.63 30.05 33.93
C CYS B 25 10.31 30.32 34.66
N VAL B 26 9.59 29.27 35.01
CA VAL B 26 8.28 29.37 35.65
C VAL B 26 8.36 28.78 37.04
N VAL B 27 7.96 29.56 38.04
CA VAL B 27 7.93 29.13 39.44
C VAL B 27 6.47 28.90 39.78
N VAL B 28 6.09 27.65 40.01
CA VAL B 28 4.71 27.28 40.26
C VAL B 28 4.52 27.04 41.75
N ASP B 29 3.29 27.27 42.22
CA ASP B 29 2.93 27.01 43.62
C ASP B 29 3.69 27.98 44.54
N VAL B 30 3.77 29.23 44.11
CA VAL B 30 4.26 30.30 44.96
C VAL B 30 3.21 30.59 46.02
N SER B 31 3.66 30.93 47.21
CA SER B 31 2.79 31.05 48.36
C SER B 31 2.28 32.47 48.53
N GLU B 32 0.96 32.60 48.64
CA GLU B 32 0.31 33.87 48.94
C GLU B 32 0.97 34.54 50.15
N ASP B 33 1.50 33.74 51.07
CA ASP B 33 2.18 34.23 52.28
C ASP B 33 3.60 34.70 52.02
N ASP B 34 4.30 34.09 51.07
CA ASP B 34 5.68 34.44 50.73
C ASP B 34 5.80 34.54 49.21
N PRO B 35 5.25 35.62 48.62
CA PRO B 35 5.19 35.70 47.15
C PRO B 35 6.40 36.35 46.50
N ASP B 36 7.34 36.89 47.27
CA ASP B 36 8.42 37.73 46.74
C ASP B 36 9.58 36.86 46.26
N VAL B 37 9.41 36.31 45.06
CA VAL B 37 10.41 35.45 44.43
C VAL B 37 11.46 36.30 43.75
N GLN B 38 12.74 35.95 43.93
CA GLN B 38 13.83 36.63 43.23
C GLN B 38 14.39 35.68 42.19
N ILE B 39 14.42 36.11 40.93
CA ILE B 39 14.88 35.28 39.84
C ILE B 39 16.04 35.99 39.16
N SER B 40 17.19 35.35 39.16
CA SER B 40 18.40 35.85 38.51
C SER B 40 18.77 34.95 37.32
N TRP B 41 19.40 35.55 36.32
CA TRP B 41 19.66 34.86 35.05
C TRP B 41 21.13 34.89 34.65
N PHE B 42 21.58 33.80 34.04
CA PHE B 42 22.96 33.59 33.69
C PHE B 42 23.08 32.95 32.31
N VAL B 43 23.97 33.50 31.48
CA VAL B 43 24.34 32.91 30.19
C VAL B 43 25.82 32.56 30.27
N ASN B 44 26.12 31.26 30.20
CA ASN B 44 27.43 30.69 30.55
C ASN B 44 27.98 31.36 31.80
N ASN B 45 27.14 31.41 32.83
CA ASN B 45 27.47 31.89 34.17
C ASN B 45 27.77 33.39 34.23
N VAL B 46 27.59 34.14 33.15
CA VAL B 46 27.64 35.60 33.23
C VAL B 46 26.23 36.10 33.47
N GLU B 47 26.05 36.90 34.52
CA GLU B 47 24.71 37.30 34.88
C GLU B 47 24.22 38.36 33.91
N VAL B 48 22.93 38.27 33.56
CA VAL B 48 22.29 39.20 32.65
C VAL B 48 21.02 39.71 33.33
N HIS B 49 20.59 40.91 32.93
CA HIS B 49 19.62 41.68 33.70
C HIS B 49 18.40 42.08 32.87
N THR B 50 18.16 41.40 31.75
CA THR B 50 17.17 41.79 30.78
C THR B 50 15.83 41.06 30.89
N ALA B 51 15.70 40.08 31.78
CA ALA B 51 14.46 39.32 31.87
C ALA B 51 13.30 40.16 32.37
N GLN B 52 12.09 39.80 31.90
CA GLN B 52 10.83 40.40 32.32
C GLN B 52 10.11 39.38 33.21
N THR B 53 9.77 39.77 34.44
CA THR B 53 9.19 38.83 35.41
C THR B 53 7.84 39.32 35.91
N GLN B 54 6.86 38.43 35.97
CA GLN B 54 5.51 38.79 36.38
C GLN B 54 4.87 37.69 37.21
N THR B 55 4.03 38.10 38.16
CA THR B 55 3.25 37.18 38.98
C THR B 55 1.82 37.09 38.44
N HIS B 56 1.30 35.86 38.38
CA HIS B 56 -0.01 35.54 37.82
C HIS B 56 -0.80 34.70 38.82
N ARG B 57 -2.13 34.83 38.77
CA ARG B 57 -3.01 33.93 39.50
C ARG B 57 -3.45 32.79 38.61
N GLU B 58 -3.47 31.59 39.19
CA GLU B 58 -4.02 30.40 38.55
C GLU B 58 -5.34 30.10 39.26
N ASP B 59 -6.44 30.44 38.59
CA ASP B 59 -7.76 30.29 39.17
C ASP B 59 -8.25 28.85 39.17
N TYR B 60 -7.62 27.97 38.37
CA TYR B 60 -7.97 26.55 38.37
C TYR B 60 -7.89 25.94 39.76
N ASN B 61 -6.89 26.34 40.54
CA ASN B 61 -6.70 25.83 41.89
C ASN B 61 -6.29 26.93 42.85
N SER B 62 -6.58 28.19 42.49
CA SER B 62 -6.38 29.35 43.36
C SER B 62 -4.94 29.40 43.89
N THR B 63 -3.98 29.35 42.97
CA THR B 63 -2.55 29.37 43.27
C THR B 63 -1.86 30.58 42.61
N LEU B 64 -0.57 30.73 42.90
CA LEU B 64 0.27 31.73 42.26
C LEU B 64 1.35 31.09 41.39
N ARG B 65 1.74 31.85 40.37
CA ARG B 65 2.74 31.44 39.40
C ARG B 65 3.59 32.66 39.06
N VAL B 66 4.91 32.55 39.11
CA VAL B 66 5.80 33.63 38.68
C VAL B 66 6.49 33.19 37.40
N VAL B 67 6.38 34.02 36.36
CA VAL B 67 6.90 33.70 35.04
C VAL B 67 7.98 34.72 34.69
N SER B 68 9.18 34.24 34.42
CA SER B 68 10.31 35.09 34.09
C SER B 68 10.77 34.75 32.68
N ALA B 69 10.78 35.75 31.80
CA ALA B 69 11.03 35.58 30.38
C ALA B 69 12.33 36.29 30.04
N LEU B 70 13.35 35.52 29.67
CA LEU B 70 14.65 36.06 29.31
C LEU B 70 14.73 36.16 27.80
N PRO B 71 14.83 37.36 27.22
CA PRO B 71 15.08 37.46 25.76
C PRO B 71 16.52 37.05 25.47
N ILE B 72 16.73 36.21 24.44
CA ILE B 72 18.05 35.61 24.20
C ILE B 72 18.48 35.93 22.80
N GLN B 73 19.75 35.77 22.55
CA GLN B 73 20.05 35.99 21.15
C GLN B 73 20.06 34.66 20.45
N HIS B 74 19.59 34.64 19.21
CA HIS B 74 19.54 33.45 18.36
C HIS B 74 20.87 32.66 18.37
N GLN B 75 21.97 33.35 18.13
CA GLN B 75 23.24 32.67 17.98
C GLN B 75 23.66 32.01 19.28
N ASP B 76 23.32 32.61 20.43
CA ASP B 76 23.69 32.00 21.70
C ASP B 76 22.98 30.66 21.90
N TRP B 77 21.71 30.58 21.52
CA TRP B 77 21.02 29.30 21.57
C TRP B 77 21.65 28.32 20.58
N MET B 78 21.83 28.75 19.33
CA MET B 78 22.25 27.81 18.30
C MET B 78 23.66 27.31 18.56
N SER B 79 24.52 28.11 19.19
CA SER B 79 25.88 27.71 19.47
C SER B 79 26.02 26.88 20.74
N GLY B 80 24.93 26.63 21.46
CA GLY B 80 24.96 25.73 22.60
C GLY B 80 25.27 26.38 23.93
N LYS B 81 25.14 27.69 24.06
CA LYS B 81 25.35 28.30 25.37
C LYS B 81 24.29 27.85 26.36
N GLU B 82 24.64 27.82 27.64
CA GLU B 82 23.74 27.41 28.70
C GLU B 82 23.04 28.60 29.34
N PHE B 83 21.73 28.43 29.57
CA PHE B 83 20.88 29.45 30.13
C PHE B 83 20.37 28.95 31.48
N LYS B 84 20.62 29.72 32.53
CA LYS B 84 20.39 29.31 33.91
C LYS B 84 19.58 30.36 34.65
N CYS B 85 18.49 29.93 35.28
CA CYS B 85 17.72 30.75 36.21
C CYS B 85 17.95 30.26 37.63
N LYS B 86 18.11 31.20 38.54
CA LYS B 86 18.27 30.94 39.96
C LYS B 86 17.12 31.60 40.68
N VAL B 87 16.37 30.81 41.45
CA VAL B 87 15.15 31.24 42.11
C VAL B 87 15.37 31.20 43.61
N ASN B 88 15.21 32.36 44.24
CA ASN B 88 15.31 32.56 45.67
C ASN B 88 13.96 32.91 46.26
N ASN B 89 13.72 32.45 47.47
CA ASN B 89 12.53 32.82 48.21
C ASN B 89 12.77 32.58 49.69
N LYS B 90 12.12 33.40 50.51
CA LYS B 90 12.11 33.19 51.96
C LYS B 90 11.75 31.75 52.29
N ASP B 91 10.71 31.23 51.66
CA ASP B 91 10.19 29.87 51.79
C ASP B 91 11.11 28.83 51.12
N LEU B 92 12.30 29.18 50.62
CA LEU B 92 13.20 28.17 50.08
C LEU B 92 14.40 27.99 50.99
N PRO B 93 14.73 26.75 51.37
CA PRO B 93 15.92 26.54 52.20
C PRO B 93 17.21 26.92 51.49
N ALA B 94 17.27 26.69 50.18
CA ALA B 94 18.40 27.05 49.35
C ALA B 94 17.88 27.44 47.98
N PRO B 95 18.65 28.20 47.21
CA PRO B 95 18.20 28.57 45.85
C PRO B 95 17.86 27.32 45.04
N ILE B 96 16.97 27.50 44.07
CA ILE B 96 16.69 26.47 43.07
C ILE B 96 17.25 26.95 41.75
N GLU B 97 18.00 26.10 41.08
CA GLU B 97 18.64 26.49 39.83
C GLU B 97 18.16 25.56 38.74
N ARG B 98 17.96 26.13 37.54
CA ARG B 98 17.63 25.35 36.36
C ARG B 98 18.46 25.84 35.19
N THR B 99 18.92 24.90 34.37
CA THR B 99 19.70 25.21 33.19
C THR B 99 19.12 24.48 32.00
N ILE B 100 19.22 25.11 30.84
CA ILE B 100 18.78 24.51 29.60
C ILE B 100 19.70 25.00 28.48
N SER B 101 19.86 24.17 27.47
CA SER B 101 20.64 24.52 26.29
C SER B 101 20.12 23.67 25.14
N LYS B 102 20.51 24.05 23.92
CA LYS B 102 20.09 23.32 22.73
C LYS B 102 20.62 21.91 22.75
N PRO B 103 19.78 20.89 22.67
CA PRO B 103 20.26 19.51 22.73
C PRO B 103 21.23 19.22 21.59
N LYS B 104 22.26 18.43 21.90
CA LYS B 104 23.19 18.01 20.88
C LYS B 104 22.54 16.90 20.03
N GLY B 105 23.10 16.67 18.86
CA GLY B 105 22.61 15.60 18.02
C GLY B 105 22.80 15.92 16.55
N SER B 106 22.46 14.92 15.73
CA SER B 106 22.56 15.03 14.29
C SER B 106 21.51 15.98 13.72
N VAL B 107 21.86 16.59 12.59
CA VAL B 107 20.96 17.47 11.85
C VAL B 107 20.74 16.87 10.47
N ARG B 108 19.47 16.74 10.07
CA ARG B 108 19.16 16.35 8.71
C ARG B 108 18.03 17.22 8.19
N ALA B 109 18.23 17.83 7.04
CA ALA B 109 17.24 18.75 6.52
C ALA B 109 16.00 17.98 6.04
N PRO B 110 14.81 18.52 6.25
CA PRO B 110 13.60 17.83 5.77
C PRO B 110 13.52 17.85 4.25
N GLN B 111 12.97 16.77 3.71
CA GLN B 111 12.53 16.72 2.33
C GLN B 111 11.06 17.16 2.30
N VAL B 112 10.74 18.11 1.42
CA VAL B 112 9.43 18.76 1.45
C VAL B 112 8.76 18.54 0.10
N TYR B 113 7.53 18.03 0.13
CA TYR B 113 6.79 17.73 -1.09
C TYR B 113 5.37 18.25 -0.93
N VAL B 114 4.76 18.74 -2.00
CA VAL B 114 3.34 19.10 -1.95
C VAL B 114 2.58 18.13 -2.84
N LEU B 115 1.46 17.62 -2.32
CA LEU B 115 0.66 16.58 -2.92
C LEU B 115 -0.69 17.17 -3.30
N PRO B 116 -1.16 16.92 -4.51
CA PRO B 116 -2.44 17.43 -4.96
C PRO B 116 -3.58 16.65 -4.33
N PRO B 117 -4.83 17.07 -4.54
CA PRO B 117 -5.96 16.33 -3.97
C PRO B 117 -6.05 14.94 -4.54
N PRO B 118 -6.62 14.00 -3.79
CA PRO B 118 -7.00 12.71 -4.38
C PRO B 118 -7.95 12.97 -5.55
N GLU B 119 -7.80 12.19 -6.62
CA GLU B 119 -8.68 12.38 -7.78
C GLU B 119 -10.16 12.22 -7.43
N LYS B 120 -10.50 11.25 -6.57
CA LYS B 120 -11.89 11.08 -6.15
C LYS B 120 -12.45 12.35 -5.52
N GLU B 120 -10.50 11.26 -6.58
CA GLU B 120 -11.90 11.09 -6.20
C GLU B 120 -12.43 12.26 -5.38
N GLU B 121 -11.58 13.19 -4.93
CA GLU B 121 -12.06 14.32 -4.18
C GLU B 121 -12.31 15.55 -5.06
N MET B 122 -11.77 15.57 -6.29
CA MET B 122 -11.80 16.75 -7.13
C MET B 122 -13.20 17.21 -7.50
N THR B 123 -14.19 16.33 -7.46
CA THR B 123 -15.55 16.76 -7.73
C THR B 123 -16.30 17.27 -6.50
N LYS B 124 -15.65 17.31 -5.34
CA LYS B 124 -16.32 17.79 -4.15
C LYS B 124 -16.16 19.30 -4.03
N LYS B 125 -16.93 19.89 -3.10
CA LYS B 125 -16.93 21.34 -2.95
C LYS B 125 -15.57 21.84 -2.44
N GLN B 126 -14.95 21.05 -1.56
CA GLN B 126 -13.65 21.37 -0.97
C GLN B 126 -12.64 20.26 -1.26
N VAL B 127 -11.38 20.63 -1.49
CA VAL B 127 -10.35 19.63 -1.75
C VAL B 127 -9.23 19.86 -0.74
N SER B 128 -8.40 18.83 -0.57
CA SER B 128 -7.33 18.84 0.43
C SER B 128 -5.96 18.84 -0.26
N THR B 128 -8.39 18.85 -0.60
CA THR B 128 -7.32 18.85 0.40
C THR B 128 -5.97 18.85 -0.28
N LEU B 129 -5.10 19.76 0.16
CA LEU B 129 -3.74 19.83 -0.34
C LEU B 129 -2.82 19.37 0.78
N THR B 130 -1.85 18.50 0.47
CA THR B 130 -1.05 17.87 1.52
C THR B 130 0.41 18.28 1.40
N CYS B 131 1.00 18.79 2.48
CA CYS B 131 2.44 19.04 2.53
C CYS B 131 3.09 17.91 3.32
N MET B 132 3.94 17.13 2.65
CA MET B 132 4.62 16.01 3.26
C MET B 132 6.06 16.44 3.58
N LEU B 132 3.94 17.13 2.65
CA LEU B 132 4.63 16.01 3.26
C LEU B 132 6.05 16.44 3.57
N VAL B 133 6.45 16.34 4.84
CA VAL B 133 7.73 16.85 5.32
C VAL B 133 8.38 15.68 6.05
N THR B 134 9.45 15.13 5.48
CA THR B 134 10.00 13.85 5.90
C THR B 134 11.50 13.93 6.15
N LYS B 134 9.45 15.11 5.48
CA LYS B 134 9.97 13.88 6.07
C LYS B 134 11.48 13.90 6.13
N ASP B 135 12.01 12.91 6.85
CA ASP B 135 13.44 12.60 6.88
C ASP B 135 14.25 13.72 7.56
N PHE B 136 13.74 14.26 8.68
CA PHE B 136 14.40 15.39 9.31
C PHE B 136 14.76 15.10 10.76
N MET B 137 15.83 15.75 11.21
CA MET B 137 16.40 15.66 12.55
C MET B 137 16.98 17.04 12.84
N PRO B 138 16.75 17.60 14.04
CA PRO B 138 15.92 17.06 15.12
C PRO B 138 14.43 17.27 14.81
N GLU B 139 13.54 16.89 15.74
CA GLU B 139 12.12 16.97 15.43
C GLU B 139 11.59 18.41 15.44
N ASP B 140 12.32 19.34 16.04
CA ASP B 140 11.87 20.72 16.16
C ASP B 140 11.69 21.33 14.78
N ILE B 141 10.48 21.78 14.46
CA ILE B 141 10.17 22.21 13.10
C ILE B 141 8.94 23.11 13.14
N TYR B 142 8.83 23.98 12.13
CA TYR B 142 7.65 24.84 11.94
C TYR B 142 7.19 24.74 10.49
N VAL B 143 5.89 24.53 10.28
CA VAL B 143 5.35 24.34 8.93
C VAL B 143 4.09 25.19 8.77
N GLU B 144 3.93 25.82 7.61
CA GLU B 144 2.72 26.57 7.32
C GLU B 144 2.40 26.50 5.83
N TRP B 145 1.15 26.82 5.48
CA TRP B 145 0.72 27.05 4.11
C TRP B 145 0.50 28.54 3.89
N THR B 146 0.81 29.00 2.67
CA THR B 146 0.57 30.37 2.23
C THR B 146 -0.06 30.35 0.85
N ASN B 147 -0.75 31.44 0.52
CA ASN B 147 -1.19 31.66 -0.86
C ASN B 147 -0.80 33.10 -1.18
N ASN B 148 -0.02 33.29 -2.25
CA ASN B 148 0.50 34.61 -2.64
C ASN B 148 1.38 35.22 -1.54
N GLY B 149 2.09 34.38 -0.80
CA GLY B 149 2.92 34.83 0.31
C GLY B 149 2.19 35.15 1.60
N LYS B 150 0.85 35.21 1.58
CA LYS B 150 0.05 35.43 2.77
C LYS B 150 -0.26 34.11 3.46
N THR B 151 0.05 34.02 4.75
CA THR B 151 -0.21 32.78 5.48
C THR B 151 -1.71 32.47 5.50
N GLU B 152 -2.05 31.24 5.14
CA GLU B 152 -3.42 30.75 5.12
C GLU B 152 -4.00 30.66 6.52
N LEU B 153 -5.30 30.36 6.57
CA LEU B 153 -5.96 30.13 7.84
C LEU B 153 -6.36 28.67 8.07
N ASN B 154 -6.89 27.98 7.06
CA ASN B 154 -7.49 26.67 7.30
C ASN B 154 -6.53 25.53 6.98
N TYR B 155 -5.40 25.53 7.68
CA TYR B 155 -4.45 24.43 7.60
C TYR B 155 -4.19 23.93 9.01
N LYS B 156 -3.89 22.64 9.12
CA LYS B 156 -3.60 21.99 10.40
C LYS B 156 -2.44 21.02 10.24
N ASN B 157 -1.55 20.96 11.24
CA ASN B 157 -0.36 20.12 11.14
C ASN B 157 -0.49 18.89 12.04
N THR B 158 0.13 17.80 11.61
CA THR B 158 0.29 16.70 12.56
C THR B 158 1.51 16.98 13.42
N GLU B 159 1.60 16.30 14.55
CA GLU B 159 2.86 16.35 15.28
C GLU B 159 3.89 15.44 14.62
N PRO B 160 5.19 15.76 14.72
CA PRO B 160 6.21 14.90 14.08
C PRO B 160 6.19 13.50 14.68
N VAL B 161 6.40 12.51 13.83
CA VAL B 161 6.43 11.10 14.22
C VAL B 161 7.84 10.55 13.98
N LEU B 162 8.36 9.81 14.97
CA LEU B 162 9.66 9.18 14.87
C LEU B 162 9.61 8.01 13.90
N ASP B 163 10.40 8.07 12.83
CA ASP B 163 10.42 7.06 11.79
C ASP B 163 11.37 5.93 12.18
N LYS B 163 10.40 8.07 12.83
CA LYS B 163 10.39 7.03 11.81
C LYS B 163 11.37 5.93 12.18
N SER B 164 11.40 4.89 11.33
CA SER B 164 12.17 3.70 11.63
C SER B 164 13.66 3.98 11.75
N ASP B 165 14.20 4.82 10.85
CA ASP B 165 15.63 5.13 10.83
C ASP B 165 16.06 6.18 11.84
N GLY B 166 15.16 6.70 12.69
CA GLY B 166 15.52 7.75 13.61
C GLY B 166 15.18 9.16 13.16
N SER B 167 14.76 9.34 11.91
CA SER B 167 14.33 10.65 11.42
C SER B 167 12.86 10.89 11.76
N TYR B 168 12.38 12.11 11.54
CA TYR B 168 10.97 12.34 11.79
C TYR B 168 10.25 12.77 10.51
N PHE B 169 8.92 12.68 10.54
CA PHE B 169 8.07 13.15 9.46
C PHE B 169 6.77 13.73 10.03
N MET B 170 6.16 14.62 9.27
CA MET B 170 4.86 15.18 9.63
C MET B 170 4.14 15.58 8.35
N TYR B 171 2.87 15.92 8.49
CA TYR B 171 2.19 16.48 7.34
C TYR B 171 1.45 17.74 7.75
N SER B 172 1.21 18.62 6.77
CA SER B 172 0.35 19.78 6.96
C SER B 172 -0.79 19.68 5.94
N ASP B 173 -2.02 19.72 6.44
CA ASP B 173 -3.24 19.55 5.65
C ASP B 173 -3.90 20.92 5.44
N LYS B 173 -2.03 19.69 6.44
CA LYS B 173 -3.21 19.56 5.62
C LYS B 173 -3.86 20.92 5.44
N LEU B 174 -4.02 21.33 4.19
CA LEU B 174 -4.70 22.56 3.81
C LEU B 174 -5.98 22.24 3.03
N THR B 175 -7.10 22.71 3.54
CA THR B 175 -8.38 22.54 2.85
C THR B 175 -8.74 23.84 2.14
N ARG B 175 -7.11 22.70 3.54
CA ARG B 175 -8.39 22.54 2.85
C ARG B 175 -8.74 23.83 2.15
N VAL B 176 -8.99 23.74 0.84
CA VAL B 176 -9.33 24.91 0.02
C VAL B 176 -10.64 24.64 -0.72
N GLU B 177 -11.29 25.72 -1.13
CA GLU B 177 -12.45 25.57 -1.99
C GLU B 177 -11.99 25.02 -3.33
N LYS B 178 -12.69 23.99 -3.81
CA LYS B 178 -12.29 23.33 -5.06
C LYS B 178 -12.21 24.33 -6.20
N LYS B 179 -13.13 25.30 -6.23
CA LYS B 179 -13.09 26.38 -7.21
C LYS B 179 -11.73 27.06 -7.24
N ASN B 180 -11.18 27.36 -6.06
CA ASN B 180 -9.92 28.08 -6.01
C ASN B 180 -8.75 27.19 -6.45
N TRP B 181 -8.81 25.89 -6.16
CA TRP B 181 -7.77 24.98 -6.65
C TRP B 181 -7.79 24.87 -8.17
N VAL B 182 -8.98 24.75 -8.75
CA VAL B 182 -9.07 24.58 -10.18
C VAL B 182 -8.64 25.84 -10.91
N GLU B 183 -8.95 27.01 -10.36
CA GLU B 183 -8.52 28.28 -10.93
C GLU B 183 -7.07 28.57 -10.56
N ARG B 184 -6.51 29.62 -11.16
CA ARG B 184 -5.12 30.02 -10.91
C ARG B 184 -4.87 30.24 -9.42
N ASN B 185 -3.78 29.68 -8.92
CA ASN B 185 -3.45 29.83 -7.51
C ASN B 185 -1.94 29.70 -7.34
N SER B 186 -1.46 29.96 -6.13
CA SER B 186 -0.05 29.80 -5.82
C SER B 186 0.12 29.17 -4.44
N TYR B 187 -0.71 28.20 -4.11
CA TYR B 187 -0.62 27.56 -2.80
C TYR B 187 0.77 26.97 -2.59
N SER B 188 1.38 27.31 -1.45
CA SER B 188 2.77 26.94 -1.17
C SER B 188 2.90 26.52 0.28
N CYS B 189 3.79 25.56 0.51
CA CYS B 189 4.11 25.07 1.84
C CYS B 189 5.49 25.57 2.24
N SER B 190 5.58 26.24 3.39
CA SER B 190 6.85 26.75 3.92
C SER B 190 7.26 26.00 5.16
N VAL B 191 8.55 25.65 5.24
CA VAL B 191 9.09 24.83 6.30
C VAL B 191 10.30 25.54 6.87
N VAL B 192 10.34 25.66 8.20
CA VAL B 192 11.42 26.26 8.98
C VAL B 192 12.07 25.17 9.81
N HIS B 193 13.36 24.95 9.56
CA HIS B 193 14.11 23.89 10.22
C HIS B 193 15.59 24.24 10.18
N GLU B 194 16.31 23.82 11.23
CA GLU B 194 17.75 24.10 11.36
C GLU B 194 18.55 23.64 10.15
N GLY B 195 18.09 22.58 9.47
CA GLY B 195 18.89 21.99 8.41
C GLY B 195 18.78 22.66 7.06
N LEU B 196 17.88 23.61 6.93
CA LEU B 196 17.59 24.25 5.65
C LEU B 196 18.47 25.48 5.43
N HIS B 197 18.68 25.82 4.16
CA HIS B 197 19.38 27.05 3.83
C HIS B 197 18.60 28.25 4.34
N ASN B 198 19.27 29.10 5.12
CA ASN B 198 18.63 30.20 5.86
C ASN B 198 17.46 29.68 6.72
N HIS B 199 17.48 28.41 7.09
CA HIS B 199 16.50 27.81 7.99
C HIS B 199 15.11 27.82 7.38
N HIS B 200 14.99 27.89 6.06
CA HIS B 200 13.67 28.09 5.44
C HIS B 200 13.64 27.43 4.07
N THR B 201 12.49 26.85 3.71
CA THR B 201 12.30 26.46 2.32
C THR B 201 10.82 26.57 2.00
N THR B 202 10.51 26.71 0.71
CA THR B 202 9.12 26.70 0.25
C THR B 202 8.98 25.73 -0.91
N LYS B 203 7.80 25.16 -1.04
CA LYS B 203 7.49 24.26 -2.14
C LYS B 203 6.11 24.62 -2.67
N GLU B 203 7.80 25.16 -1.04
CA GLU B 203 7.49 24.25 -2.13
C GLU B 203 6.11 24.60 -2.66
N SER B 204 6.02 24.80 -3.97
CA SER B 204 4.77 25.19 -4.63
C SER B 204 4.42 24.16 -5.69
N PHE B 205 3.18 24.22 -6.19
CA PHE B 205 2.78 23.27 -7.20
C PHE B 205 3.27 23.65 -8.59
N SER B 206 3.39 24.95 -8.88
CA SER B 206 4.04 25.43 -10.09
C SER B 206 5.40 26.01 -9.72
N ARG B 207 6.43 25.57 -10.44
CA ARG B 207 7.84 25.93 -10.19
C ARG B 207 8.07 27.36 -9.71
N GLY C 1 28.83 -4.71 -21.57
CA GLY C 1 28.64 -3.59 -22.46
C GLY C 1 27.18 -3.21 -22.60
N PRO C 2 26.90 -2.13 -23.32
CA PRO C 2 25.50 -1.75 -23.56
C PRO C 2 24.75 -2.85 -24.29
N SER C 3 23.46 -2.98 -24.01
CA SER C 3 22.63 -3.89 -24.79
C SER C 3 21.39 -3.13 -25.26
N VAL C 4 20.71 -3.68 -26.26
CA VAL C 4 19.71 -2.92 -27.02
C VAL C 4 18.41 -3.72 -27.17
N PHE C 5 17.29 -3.07 -26.91
CA PHE C 5 15.98 -3.70 -27.07
C PHE C 5 15.10 -2.79 -27.92
N ILE C 6 14.28 -3.39 -28.79
CA ILE C 6 13.38 -2.64 -29.66
C ILE C 6 11.94 -3.00 -29.32
N PHE C 7 11.05 -2.00 -29.42
CA PHE C 7 9.67 -2.13 -28.96
C PHE C 7 8.71 -1.59 -30.01
N PRO C 8 7.58 -2.26 -30.19
CA PRO C 8 6.62 -1.85 -31.22
C PRO C 8 5.79 -0.67 -30.76
N PRO C 9 5.02 -0.06 -31.65
CA PRO C 9 4.06 0.95 -31.22
C PRO C 9 2.93 0.28 -30.45
N LYS C 10 2.27 1.08 -29.60
CA LYS C 10 1.07 0.60 -28.95
C LYS C 10 -0.03 0.38 -30.00
N ILE C 11 -0.74 -0.73 -29.88
CA ILE C 11 -1.73 -1.06 -30.91
C ILE C 11 -2.77 0.04 -31.04
N LYS C 12 -3.18 0.65 -29.92
CA LYS C 12 -4.16 1.72 -30.00
C LYS C 12 -3.62 2.90 -30.80
N ASP C 13 -2.35 3.25 -30.60
CA ASP C 13 -1.76 4.36 -31.32
C ASP C 13 -1.69 4.09 -32.82
N VAL C 14 -1.37 2.85 -33.20
CA VAL C 14 -1.16 2.61 -34.62
C VAL C 14 -2.47 2.35 -35.34
N LEU C 15 -3.53 1.97 -34.62
CA LEU C 15 -4.85 1.77 -35.23
C LEU C 15 -5.70 3.04 -35.27
N MET C 16 -5.40 4.03 -34.45
CA MET C 16 -6.17 5.27 -34.37
C MET C 16 -5.40 6.35 -35.12
N ILE C 17 -5.96 6.83 -36.22
CA ILE C 17 -5.23 7.78 -37.05
C ILE C 17 -4.93 9.07 -36.29
N SER C 18 -5.78 9.43 -35.32
CA SER C 18 -5.55 10.63 -34.53
C SER C 18 -4.42 10.50 -33.52
N LEU C 19 -3.89 9.30 -33.28
CA LEU C 19 -2.88 9.12 -32.26
C LEU C 19 -1.48 9.07 -32.91
N SER C 20 -0.45 8.96 -32.07
CA SER C 20 0.94 9.14 -32.51
C SER C 20 1.76 7.89 -32.24
N PRO C 21 1.80 6.94 -33.18
CA PRO C 21 2.57 5.71 -32.95
C PRO C 21 4.08 5.94 -32.98
N ILE C 22 4.79 5.22 -32.13
CA ILE C 22 6.22 5.38 -31.96
C ILE C 22 6.87 4.00 -31.87
N VAL C 23 8.02 3.84 -32.54
CA VAL C 23 8.86 2.66 -32.36
C VAL C 23 10.02 3.05 -31.47
N THR C 24 10.33 2.21 -30.46
CA THR C 24 11.30 2.66 -29.47
C THR C 24 12.52 1.75 -29.43
N CYS C 25 13.71 2.35 -29.35
CA CYS C 25 14.98 1.65 -29.20
C CYS C 25 15.54 2.07 -27.85
N VAL C 26 15.83 1.10 -26.98
CA VAL C 26 16.32 1.36 -25.63
C VAL C 26 17.70 0.72 -25.49
N VAL C 27 18.69 1.52 -25.10
CA VAL C 27 20.05 1.07 -24.87
C VAL C 27 20.27 1.08 -23.37
N VAL C 28 20.46 -0.10 -22.79
CA VAL C 28 20.61 -0.24 -21.35
C VAL C 28 22.09 -0.45 -21.05
N ASP C 29 22.47 -0.10 -19.80
CA ASP C 29 23.82 -0.33 -19.30
C ASP C 29 24.81 0.55 -20.04
N VAL C 30 24.40 1.77 -20.32
CA VAL C 30 25.29 2.80 -20.83
C VAL C 30 26.14 3.33 -19.68
N SER C 31 27.41 3.57 -19.97
CA SER C 31 28.38 4.03 -18.99
C SER C 31 28.67 5.51 -19.19
N GLU C 32 28.83 6.23 -18.08
CA GLU C 32 29.29 7.61 -18.11
C GLU C 32 30.71 7.74 -18.66
N ASP C 33 31.47 6.64 -18.77
CA ASP C 33 32.75 6.70 -19.44
C ASP C 33 32.58 7.01 -20.93
N ASP C 34 31.52 6.48 -21.53
CA ASP C 34 31.21 6.66 -22.96
C ASP C 34 29.71 6.87 -23.07
N PRO C 35 29.20 8.04 -22.70
CA PRO C 35 27.76 8.24 -22.63
C PRO C 35 27.14 8.70 -23.93
N ASP C 36 27.95 9.04 -24.94
CA ASP C 36 27.46 9.69 -26.17
C ASP C 36 27.04 8.63 -27.18
N VAL C 37 25.92 8.00 -26.88
CA VAL C 37 25.41 6.92 -27.72
C VAL C 37 24.70 7.52 -28.92
N GLN C 38 24.97 6.99 -30.10
CA GLN C 38 24.28 7.42 -31.32
C GLN C 38 23.32 6.36 -31.78
N ILE C 39 22.07 6.75 -32.03
CA ILE C 39 21.04 5.84 -32.52
C ILE C 39 20.54 6.38 -33.85
N SER C 40 20.71 5.59 -34.91
CA SER C 40 20.25 5.93 -36.25
C SER C 40 19.07 5.04 -36.58
N TRP C 41 18.16 5.54 -37.43
CA TRP C 41 16.90 4.83 -37.70
C TRP C 41 16.64 4.66 -39.19
N PHE C 42 16.04 3.50 -39.54
CA PHE C 42 15.80 3.22 -40.95
C PHE C 42 14.42 2.58 -41.10
N VAL C 43 13.70 2.98 -42.15
CA VAL C 43 12.41 2.41 -42.50
C VAL C 43 12.60 1.76 -43.86
N ASN C 44 12.50 0.43 -43.91
CA ASN C 44 12.92 -0.37 -45.06
C ASN C 44 14.28 0.09 -45.59
N ASN C 45 15.24 0.22 -44.67
CA ASN C 45 16.62 0.57 -44.97
C ASN C 45 16.79 1.98 -45.52
N VAL C 46 15.74 2.80 -45.55
CA VAL C 46 15.86 4.21 -45.88
C VAL C 46 16.01 5.00 -44.58
N GLU C 47 17.08 5.77 -44.44
CA GLU C 47 17.36 6.41 -43.16
C GLU C 47 16.42 7.58 -42.89
N VAL C 48 16.00 7.71 -41.64
CA VAL C 48 15.11 8.78 -41.20
C VAL C 48 15.73 9.43 -39.97
N HIS C 49 15.37 10.71 -39.75
CA HIS C 49 16.16 11.57 -38.88
C HIS C 49 15.35 12.24 -37.78
N THR C 50 14.11 11.79 -37.52
CA THR C 50 13.19 12.48 -36.64
C THR C 50 13.09 11.90 -35.23
N ALA C 51 13.87 10.87 -34.92
CA ALA C 51 13.74 10.27 -33.61
C ALA C 51 14.15 11.22 -32.50
N GLN C 52 13.47 11.09 -31.35
CA GLN C 52 13.73 11.87 -30.14
C GLN C 52 14.52 10.99 -29.19
N THR C 53 15.73 11.40 -28.85
CA THR C 53 16.65 10.56 -28.10
C THR C 53 17.09 11.29 -26.83
N GLN C 54 16.99 10.59 -25.69
CA GLN C 54 17.27 11.17 -24.38
C GLN C 54 17.99 10.15 -23.50
N THR C 55 18.86 10.65 -22.64
CA THR C 55 19.56 9.82 -21.66
C THR C 55 18.90 9.96 -20.29
N HIS C 56 18.76 8.83 -19.59
CA HIS C 56 18.12 8.72 -18.29
C HIS C 56 19.10 8.04 -17.34
N ARG C 57 19.12 8.49 -16.09
CA ARG C 57 19.95 7.90 -15.04
C ARG C 57 19.12 6.87 -14.28
N GLU C 58 19.53 5.61 -14.31
CA GLU C 58 18.87 4.53 -13.59
C GLU C 58 19.63 4.32 -12.29
N ASP C 59 19.12 4.89 -11.21
CA ASP C 59 19.77 4.82 -9.90
C ASP C 59 19.59 3.47 -9.21
N TYR C 60 18.66 2.64 -9.70
CA TYR C 60 18.50 1.30 -9.14
C TYR C 60 19.81 0.56 -9.11
N ASN C 61 20.64 0.71 -10.15
CA ASN C 61 21.94 0.05 -10.21
C ASN C 61 23.03 0.97 -10.77
N SER C 62 22.82 2.29 -10.69
CA SER C 62 23.78 3.29 -11.13
C SER C 62 24.22 3.07 -12.58
N THR C 63 23.25 2.89 -13.48
CA THR C 63 23.57 2.81 -14.89
C THR C 63 22.87 3.92 -15.67
N LEU C 64 23.20 4.01 -16.95
CA LEU C 64 22.53 4.93 -17.83
C LEU C 64 21.71 4.13 -18.83
N ARG C 65 20.67 4.79 -19.33
CA ARG C 65 19.73 4.24 -20.29
C ARG C 65 19.48 5.32 -21.34
N VAL C 66 19.65 4.98 -22.61
CA VAL C 66 19.37 5.92 -23.69
C VAL C 66 18.11 5.42 -24.39
N VAL C 67 17.12 6.30 -24.53
CA VAL C 67 15.83 5.95 -25.12
C VAL C 67 15.64 6.79 -26.38
N SER C 68 15.46 6.12 -27.51
CA SER C 68 15.23 6.80 -28.78
C SER C 68 13.84 6.42 -29.28
N ALA C 69 12.98 7.42 -29.47
CA ALA C 69 11.57 7.23 -29.81
C ALA C 69 11.37 7.81 -31.21
N LEU C 70 11.13 6.92 -32.18
CA LEU C 70 10.95 7.28 -33.59
C LEU C 70 9.46 7.40 -33.89
N PRO C 71 8.96 8.58 -34.28
CA PRO C 71 7.56 8.68 -34.71
C PRO C 71 7.39 8.06 -36.08
N ILE C 72 6.31 7.27 -36.24
CA ILE C 72 6.14 6.50 -37.47
C ILE C 72 4.78 6.79 -38.09
N GLN C 73 4.67 6.44 -39.37
CA GLN C 73 3.42 6.52 -40.10
C GLN C 73 2.60 5.26 -39.83
N HIS C 74 1.34 5.46 -39.47
CA HIS C 74 0.43 4.34 -39.21
C HIS C 74 0.49 3.31 -40.33
N GLN C 75 0.39 3.77 -41.58
CA GLN C 75 0.35 2.86 -42.71
C GLN C 75 1.66 2.11 -42.90
N ASP C 76 2.81 2.71 -42.55
CA ASP C 76 4.06 1.97 -42.68
C ASP C 76 4.10 0.77 -41.74
N TRP C 77 3.63 0.95 -40.50
CA TRP C 77 3.53 -0.22 -39.63
C TRP C 77 2.53 -1.22 -40.18
N MET C 78 1.33 -0.75 -40.53
CA MET C 78 0.28 -1.68 -40.92
C MET C 78 0.63 -2.42 -42.20
N SER C 79 1.40 -1.80 -43.11
CA SER C 79 1.76 -2.49 -44.35
C SER C 79 2.98 -3.38 -44.21
N GLY C 80 3.58 -3.48 -43.03
CA GLY C 80 4.66 -4.43 -42.80
C GLY C 80 6.07 -3.92 -43.05
N LYS C 81 6.27 -2.61 -43.10
CA LYS C 81 7.63 -2.11 -43.29
C LYS C 81 8.50 -2.44 -42.08
N GLU C 82 9.80 -2.57 -42.32
CA GLU C 82 10.74 -2.87 -41.24
C GLU C 82 11.35 -1.59 -40.67
N PHE C 83 11.43 -1.55 -39.34
CA PHE C 83 11.94 -0.41 -38.61
C PHE C 83 13.20 -0.88 -37.89
N LYS C 84 14.32 -0.23 -38.15
CA LYS C 84 15.62 -0.69 -37.69
C LYS C 84 16.31 0.44 -36.97
N CYS C 85 16.83 0.18 -35.78
CA CYS C 85 17.72 1.11 -35.11
C CYS C 85 19.13 0.54 -35.14
N LYS C 86 20.10 1.44 -35.31
CA LYS C 86 21.52 1.13 -35.35
C LYS C 86 22.20 1.96 -34.27
N VAL C 87 22.90 1.28 -33.36
CA VAL C 87 23.42 1.87 -32.15
C VAL C 87 24.94 1.84 -32.25
N ASN C 88 25.54 3.03 -32.19
CA ASN C 88 26.98 3.23 -32.24
C ASN C 88 27.45 3.83 -30.92
N ASN C 89 28.62 3.41 -30.45
CA ASN C 89 29.20 4.07 -29.30
C ASN C 89 30.68 3.73 -29.23
N LYS C 90 31.47 4.61 -28.58
CA LYS C 90 32.91 4.38 -28.49
C LYS C 90 33.24 3.07 -27.80
N ASP C 91 32.38 2.59 -26.90
CA ASP C 91 32.66 1.37 -26.16
C ASP C 91 32.04 0.12 -26.79
N LEU C 92 31.56 0.20 -28.02
CA LEU C 92 31.08 -1.01 -28.66
C LEU C 92 32.10 -1.50 -29.68
N PRO C 93 32.44 -2.79 -29.68
CA PRO C 93 33.36 -3.29 -30.71
C PRO C 93 32.81 -3.16 -32.12
N ALA C 94 31.51 -3.34 -32.27
CA ALA C 94 30.83 -3.14 -33.55
C ALA C 94 29.44 -2.61 -33.26
N PRO C 95 28.81 -1.94 -34.22
CA PRO C 95 27.45 -1.44 -34.00
C PRO C 95 26.49 -2.56 -33.60
N ILE C 96 25.43 -2.20 -32.90
CA ILE C 96 24.34 -3.12 -32.60
C ILE C 96 23.10 -2.68 -33.35
N GLU C 97 22.47 -3.61 -34.07
CA GLU C 97 21.28 -3.29 -34.84
C GLU C 97 20.12 -4.14 -34.33
N ARG C 98 18.93 -3.54 -34.33
CA ARG C 98 17.70 -4.23 -33.99
C ARG C 98 16.65 -3.84 -35.01
N THR C 99 15.81 -4.80 -35.38
CA THR C 99 14.73 -4.58 -36.35
C THR C 99 13.43 -5.13 -35.79
N ILE C 100 12.33 -4.45 -36.11
CA ILE C 100 10.99 -4.89 -35.71
C ILE C 100 10.02 -4.54 -36.83
N SER C 101 8.97 -5.35 -36.95
CA SER C 101 7.91 -5.11 -37.92
C SER C 101 6.65 -5.85 -37.47
N LYS C 102 5.54 -5.44 -38.06
CA LYS C 102 4.25 -6.08 -37.79
C LYS C 102 4.25 -7.49 -38.38
N PRO C 103 4.00 -8.54 -37.60
CA PRO C 103 3.99 -9.89 -38.17
C PRO C 103 2.89 -10.03 -39.22
N LYS C 104 3.16 -10.88 -40.21
CA LYS C 104 2.11 -11.26 -41.15
C LYS C 104 1.16 -12.26 -40.50
N GLY C 105 -0.06 -12.33 -41.05
CA GLY C 105 -0.99 -13.31 -40.56
C GLY C 105 -2.41 -12.96 -40.91
N SER C 106 -3.31 -13.89 -40.58
CA SER C 106 -4.73 -13.69 -40.83
C SER C 106 -5.28 -12.64 -39.88
N VAL C 107 -6.31 -11.95 -40.34
CA VAL C 107 -7.03 -10.98 -39.53
C VAL C 107 -8.44 -11.49 -39.34
N ARG C 108 -8.89 -11.56 -38.08
CA ARG C 108 -10.25 -11.91 -37.76
C ARG C 108 -10.76 -10.94 -36.71
N ALA C 109 -11.90 -10.29 -36.98
CA ALA C 109 -12.42 -9.30 -36.06
C ALA C 109 -12.97 -9.97 -34.81
N PRO C 110 -12.86 -9.32 -33.65
CA PRO C 110 -13.42 -9.90 -32.42
C PRO C 110 -14.93 -9.87 -32.39
N GLN C 111 -15.50 -10.92 -31.79
CA GLN C 111 -16.90 -10.93 -31.35
C GLN C 111 -16.91 -10.38 -29.93
N VAL C 112 -17.76 -9.36 -29.70
CA VAL C 112 -17.75 -8.61 -28.45
C VAL C 112 -19.13 -8.73 -27.82
N TYR C 113 -19.18 -9.21 -26.58
CA TYR C 113 -20.46 -9.41 -25.89
C TYR C 113 -20.34 -8.84 -24.49
N VAL C 114 -21.40 -8.26 -23.96
CA VAL C 114 -21.39 -7.84 -22.56
C VAL C 114 -22.37 -8.73 -21.81
N LEU C 115 -21.94 -9.19 -20.64
CA LEU C 115 -22.64 -10.16 -19.82
C LEU C 115 -23.02 -9.50 -18.49
N PRO C 116 -24.27 -9.66 -18.05
CA PRO C 116 -24.73 -9.05 -16.81
C PRO C 116 -24.16 -9.78 -15.61
N PRO C 117 -24.35 -9.27 -14.39
CA PRO C 117 -23.83 -9.97 -13.23
C PRO C 117 -24.47 -11.35 -13.11
N PRO C 118 -23.75 -12.31 -12.53
CA PRO C 118 -24.40 -13.56 -12.16
C PRO C 118 -25.55 -13.30 -11.20
N GLU C 119 -26.64 -14.03 -11.37
CA GLU C 119 -27.81 -13.80 -10.54
C GLU C 119 -27.47 -13.95 -9.07
N GLU C 120 -26.68 -14.95 -8.72
CA GLU C 120 -26.29 -15.13 -7.32
C GLU C 120 -25.59 -13.90 -6.76
N LYS C 120 -26.62 -14.92 -8.73
CA LYS C 120 -26.21 -15.17 -7.36
C LYS C 120 -25.33 -14.05 -6.80
N GLU C 121 -25.05 -13.03 -7.61
CA GLU C 121 -24.31 -11.87 -7.13
C GLU C 121 -25.21 -10.68 -6.88
N MET C 122 -26.44 -10.71 -7.41
CA MET C 122 -27.34 -9.55 -7.35
C MET C 122 -27.74 -9.19 -5.92
N THR C 123 -27.54 -10.08 -4.96
CA THR C 123 -27.84 -9.72 -3.58
C THR C 123 -26.72 -8.93 -2.92
N LYS C 124 -25.64 -8.68 -3.63
CA LYS C 124 -24.49 -7.97 -3.07
C LYS C 124 -24.56 -6.48 -3.39
N LYS C 125 -23.69 -5.73 -2.71
CA LYS C 125 -23.63 -4.28 -2.88
C LYS C 125 -23.06 -3.88 -4.23
N GLN C 126 -21.96 -4.52 -4.62
CA GLN C 126 -21.30 -4.28 -5.89
C GLN C 126 -21.45 -5.52 -6.76
N VAL C 127 -21.63 -5.32 -8.07
CA VAL C 127 -21.82 -6.41 -9.00
C VAL C 127 -20.76 -6.30 -10.11
N THR C 128 -20.70 -7.35 -10.92
CA THR C 128 -19.63 -7.51 -11.91
C THR C 128 -20.22 -7.53 -13.30
N SER C 128 -20.66 -7.36 -10.90
CA SER C 128 -19.61 -7.48 -11.90
C SER C 128 -20.21 -7.52 -13.30
N LEU C 129 -19.75 -6.62 -14.16
CA LEU C 129 -20.11 -6.61 -15.56
C LEU C 129 -18.95 -7.19 -16.36
N THR C 130 -19.25 -8.10 -17.29
CA THR C 130 -18.20 -8.83 -17.97
C THR C 130 -18.23 -8.52 -19.46
N CYS C 131 -17.11 -8.07 -20.00
CA CYS C 131 -16.98 -7.93 -21.45
C CYS C 131 -16.20 -9.12 -21.95
N LEU C 132 -16.79 -9.88 -22.86
CA LEU C 132 -16.18 -11.05 -23.46
C LEU C 132 -15.81 -10.70 -24.89
N MET C 132 -16.77 -9.86 -22.89
CA MET C 132 -16.18 -11.05 -23.46
C MET C 132 -15.82 -10.77 -24.91
N VAL C 133 -14.52 -10.84 -25.22
CA VAL C 133 -14.00 -10.49 -26.53
C VAL C 133 -13.31 -11.73 -27.07
N LYS C 134 -13.84 -12.33 -28.13
CA LYS C 134 -13.33 -13.65 -28.52
C LYS C 134 -13.20 -13.74 -30.04
N THR C 134 -13.86 -12.34 -28.13
CA THR C 134 -13.45 -13.68 -28.56
C THR C 134 -13.17 -13.71 -30.05
N ASP C 135 -12.50 -14.81 -30.48
CA ASP C 135 -12.39 -15.17 -31.89
C ASP C 135 -11.64 -14.13 -32.73
N PHE C 136 -10.51 -13.65 -32.23
CA PHE C 136 -9.90 -12.48 -32.84
C PHE C 136 -8.43 -12.78 -33.18
N MET C 137 -7.93 -12.18 -34.27
CA MET C 137 -6.56 -12.41 -34.72
C MET C 137 -6.12 -11.13 -35.41
N PRO C 138 -4.88 -10.65 -35.17
CA PRO C 138 -3.89 -11.17 -34.25
C PRO C 138 -4.24 -10.79 -32.80
N GLU C 139 -3.37 -11.10 -31.83
CA GLU C 139 -3.73 -10.90 -30.42
C GLU C 139 -3.72 -9.44 -30.02
N ASP C 140 -3.11 -8.57 -30.81
CA ASP C 140 -2.98 -7.16 -30.48
C ASP C 140 -4.36 -6.52 -30.39
N ILE C 141 -4.69 -5.95 -29.24
CA ILE C 141 -6.04 -5.43 -29.04
C ILE C 141 -6.04 -4.44 -27.90
N TYR C 142 -7.00 -3.53 -27.91
CA TYR C 142 -7.18 -2.59 -26.81
C TYR C 142 -8.62 -2.65 -26.36
N VAL C 143 -8.86 -2.83 -25.07
CA VAL C 143 -10.22 -2.99 -24.54
C VAL C 143 -10.36 -2.11 -23.31
N GLU C 144 -11.49 -1.40 -23.21
CA GLU C 144 -11.79 -0.61 -22.02
C GLU C 144 -13.29 -0.59 -21.80
N TRP C 145 -13.68 -0.22 -20.58
CA TRP C 145 -15.08 0.09 -20.29
C TRP C 145 -15.27 1.59 -20.23
N THR C 146 -16.43 2.04 -20.67
CA THR C 146 -16.81 3.44 -20.62
C THR C 146 -18.19 3.56 -19.99
N ASN C 147 -18.42 4.73 -19.39
CA ASN C 147 -19.71 5.11 -18.84
C ASN C 147 -20.05 6.46 -19.43
N ASN C 148 -21.17 6.52 -20.17
CA ASN C 148 -21.57 7.73 -20.88
C ASN C 148 -20.53 8.13 -21.92
N GLY C 149 -19.82 7.13 -22.47
CA GLY C 149 -18.71 7.39 -23.37
C GLY C 149 -17.43 7.81 -22.66
N LYS C 150 -17.47 7.99 -21.35
CA LYS C 150 -16.34 8.46 -20.56
C LYS C 150 -15.65 7.25 -19.95
N THR C 151 -14.35 7.11 -20.23
CA THR C 151 -13.62 5.91 -19.84
C THR C 151 -13.66 5.70 -18.32
N GLU C 152 -14.00 4.48 -17.91
CA GLU C 152 -14.03 4.09 -16.51
C GLU C 152 -12.63 4.06 -15.89
N LEU C 153 -12.61 3.90 -14.58
CA LEU C 153 -11.39 3.73 -13.80
C LEU C 153 -11.24 2.33 -13.25
N ASN C 154 -12.32 1.73 -12.76
CA ASN C 154 -12.26 0.46 -12.01
C ASN C 154 -12.56 -0.74 -12.92
N TYR C 155 -11.77 -0.92 -13.98
CA TYR C 155 -11.90 -2.10 -14.83
C TYR C 155 -10.53 -2.79 -14.95
N LYS C 156 -10.57 -4.11 -15.14
CA LYS C 156 -9.34 -4.91 -15.24
C LYS C 156 -9.47 -5.93 -16.37
N ASN C 157 -8.42 -6.05 -17.17
CA ASN C 157 -8.46 -6.93 -18.33
C ASN C 157 -7.61 -8.16 -18.07
N THR C 158 -8.01 -9.28 -18.67
CA THR C 158 -7.09 -10.40 -18.78
C THR C 158 -6.19 -10.21 -20.01
N GLU C 159 -5.08 -10.92 -20.02
CA GLU C 159 -4.30 -10.97 -21.24
C GLU C 159 -4.95 -11.94 -22.23
N PRO C 160 -4.80 -11.71 -23.54
CA PRO C 160 -5.41 -12.63 -24.52
C PRO C 160 -4.82 -14.02 -24.36
N VAL C 161 -5.67 -15.02 -24.54
CA VAL C 161 -5.32 -16.43 -24.45
C VAL C 161 -5.51 -17.05 -25.83
N LEU C 162 -4.52 -17.84 -26.26
CA LEU C 162 -4.62 -18.56 -27.52
C LEU C 162 -5.58 -19.74 -27.40
N LYS C 163 -6.51 -19.82 -28.33
CA LYS C 163 -7.41 -20.98 -28.40
C LYS C 163 -6.80 -22.07 -29.29
N ASP C 163 -6.52 -19.83 -28.33
CA ASP C 163 -7.44 -20.95 -28.44
C ASP C 163 -6.84 -22.03 -29.34
N SER C 164 -7.44 -23.23 -29.27
CA SER C 164 -6.98 -24.34 -30.10
C SER C 164 -7.11 -24.03 -31.59
N ASP C 165 -8.18 -23.33 -31.97
CA ASP C 165 -8.44 -22.99 -33.37
C ASP C 165 -7.57 -21.85 -33.90
N GLY C 166 -6.67 -21.27 -33.09
CA GLY C 166 -5.78 -20.21 -33.51
C GLY C 166 -6.24 -18.79 -33.21
N SER C 167 -7.48 -18.59 -32.79
CA SER C 167 -7.98 -17.26 -32.43
C SER C 167 -7.67 -16.96 -30.96
N TYR C 168 -7.84 -15.69 -30.57
CA TYR C 168 -7.64 -15.42 -29.15
C TYR C 168 -8.90 -14.86 -28.52
N PHE C 169 -8.93 -14.89 -27.19
CA PHE C 169 -10.03 -14.32 -26.44
C PHE C 169 -9.49 -13.68 -25.17
N MET C 170 -10.25 -12.73 -24.64
CA MET C 170 -9.94 -12.09 -23.37
C MET C 170 -11.24 -11.61 -22.75
N TYR C 171 -11.13 -11.17 -21.50
CA TYR C 171 -12.25 -10.60 -20.77
C TYR C 171 -11.84 -9.27 -20.19
N SER C 172 -12.81 -8.38 -20.02
CA SER C 172 -12.62 -7.15 -19.24
C SER C 172 -13.69 -7.13 -18.16
N LYS C 173 -13.25 -7.07 -16.90
CA LYS C 173 -14.12 -7.12 -15.74
C LYS C 173 -14.32 -5.70 -15.19
N ASP C 173 -13.26 -7.05 -16.90
CA ASP C 173 -14.12 -7.13 -15.72
C ASP C 173 -14.31 -5.74 -15.14
N LEU C 174 -15.57 -5.33 -14.96
CA LEU C 174 -15.93 -4.02 -14.44
C LEU C 174 -16.81 -4.19 -13.21
N ARG C 175 -16.31 -3.75 -12.06
CA ARG C 175 -17.08 -3.71 -10.82
C ARG C 175 -17.82 -2.38 -10.72
N THR C 175 -16.32 -3.74 -12.06
CA THR C 175 -17.10 -3.75 -10.82
C THR C 175 -17.81 -2.42 -10.65
N VAL C 176 -19.14 -2.45 -10.55
CA VAL C 176 -19.97 -1.27 -10.41
C VAL C 176 -20.86 -1.42 -9.20
N GLU C 177 -21.33 -0.28 -8.70
CA GLU C 177 -22.35 -0.30 -7.65
C GLU C 177 -23.66 -0.83 -8.22
N LYS C 178 -24.31 -1.73 -7.48
CA LYS C 178 -25.54 -2.34 -7.96
C LYS C 178 -26.60 -1.29 -8.29
N LYS C 179 -26.66 -0.22 -7.49
CA LYS C 179 -27.59 0.87 -7.77
C LYS C 179 -27.43 1.38 -9.20
N ASN C 180 -26.18 1.57 -9.63
CA ASN C 180 -25.93 2.10 -10.96
C ASN C 180 -26.27 1.10 -12.04
N TRP C 181 -26.07 -0.19 -11.77
CA TRP C 181 -26.45 -1.22 -12.73
C TRP C 181 -27.96 -1.32 -12.93
N VAL C 182 -28.73 -1.35 -11.83
CA VAL C 182 -30.17 -1.53 -11.96
C VAL C 182 -30.80 -0.31 -12.62
N GLU C 183 -30.32 0.89 -12.27
CA GLU C 183 -30.79 2.10 -12.90
C GLU C 183 -30.27 2.19 -14.32
N ARG C 184 -31.04 2.83 -15.20
CA ARG C 184 -30.70 2.79 -16.61
C ARG C 184 -29.37 3.51 -16.85
N ASN C 185 -28.57 2.92 -17.72
CA ASN C 185 -27.16 3.25 -17.81
C ASN C 185 -26.74 3.04 -19.25
N SER C 186 -25.49 3.38 -19.53
CA SER C 186 -24.95 3.15 -20.86
C SER C 186 -23.57 2.55 -20.73
N TYR C 187 -23.41 1.63 -19.78
CA TYR C 187 -22.15 0.92 -19.62
C TYR C 187 -21.80 0.22 -20.92
N SER C 188 -20.60 0.47 -21.41
CA SER C 188 -20.27 -0.03 -22.72
C SER C 188 -18.84 -0.53 -22.71
N CYS C 189 -18.62 -1.56 -23.52
CA CYS C 189 -17.31 -2.13 -23.70
C CYS C 189 -16.81 -1.62 -25.04
N SER C 190 -15.64 -0.99 -25.04
CA SER C 190 -15.04 -0.43 -26.24
C SER C 190 -13.83 -1.26 -26.60
N VAL C 191 -13.75 -1.66 -27.88
CA VAL C 191 -12.72 -2.55 -28.37
C VAL C 191 -12.09 -1.92 -29.60
N VAL C 192 -10.77 -1.84 -29.61
CA VAL C 192 -9.96 -1.35 -30.73
C VAL C 192 -9.17 -2.53 -31.25
N HIS C 193 -9.39 -2.89 -32.51
CA HIS C 193 -8.74 -4.05 -33.11
C HIS C 193 -8.67 -3.87 -34.62
N GLU C 194 -7.61 -4.43 -35.22
CA GLU C 194 -7.36 -4.29 -36.67
C GLU C 194 -8.52 -4.77 -37.52
N GLY C 195 -9.26 -5.78 -37.06
CA GLY C 195 -10.29 -6.39 -37.89
C GLY C 195 -11.62 -5.69 -37.90
N LEU C 196 -11.79 -4.67 -37.06
CA LEU C 196 -13.07 -4.01 -36.93
C LEU C 196 -13.19 -2.87 -37.93
N HIS C 197 -14.43 -2.57 -38.31
CA HIS C 197 -14.69 -1.42 -39.16
C HIS C 197 -14.27 -0.15 -38.44
N ASN C 198 -13.42 0.65 -39.09
CA ASN C 198 -12.77 1.81 -38.48
C ASN C 198 -11.99 1.44 -37.22
N HIS C 199 -11.58 0.17 -37.10
CA HIS C 199 -10.70 -0.32 -36.03
C HIS C 199 -11.34 -0.19 -34.65
N HIS C 200 -12.65 -0.10 -34.57
CA HIS C 200 -13.30 0.19 -33.30
C HIS C 200 -14.72 -0.34 -33.28
N THR C 201 -15.15 -0.83 -32.12
CA THR C 201 -16.55 -1.12 -31.89
C THR C 201 -16.87 -0.90 -30.42
N THR C 202 -18.14 -0.70 -30.13
CA THR C 202 -18.63 -0.62 -28.77
C THR C 202 -19.84 -1.53 -28.62
N GLU C 203 -20.05 -2.02 -27.42
CA GLU C 203 -21.16 -2.91 -27.14
C GLU C 203 -21.78 -2.53 -25.82
N LYS C 203 -20.05 -2.01 -27.41
CA LYS C 203 -21.16 -2.92 -27.14
C LYS C 203 -21.79 -2.54 -25.81
N SER C 204 -23.11 -2.38 -25.80
CA SER C 204 -23.85 -1.98 -24.63
C SER C 204 -24.93 -3.00 -24.36
N PHE C 205 -25.52 -2.90 -23.18
CA PHE C 205 -26.60 -3.78 -22.78
C PHE C 205 -27.91 -3.32 -23.42
N SER C 206 -28.85 -4.26 -23.57
CA SER C 206 -30.18 -3.89 -24.07
C SER C 206 -31.02 -3.23 -22.99
N ARG C 207 -30.79 -3.58 -21.73
CA ARG C 207 -31.43 -3.00 -20.54
C ARG C 207 -30.95 -3.81 -19.33
N GLY D 1 1.65 5.77 49.05
CA GLY D 1 0.76 4.62 48.92
C GLY D 1 0.52 4.20 47.48
N PRO D 2 -0.19 3.10 47.29
CA PRO D 2 -0.53 2.67 45.93
C PRO D 2 -1.37 3.73 45.22
N SER D 3 -1.24 3.79 43.91
CA SER D 3 -2.13 4.63 43.11
C SER D 3 -2.73 3.78 41.98
N VAL D 4 -3.82 4.26 41.38
CA VAL D 4 -4.65 3.43 40.51
C VAL D 4 -4.96 4.16 39.21
N PHE D 5 -4.81 3.47 38.08
CA PHE D 5 -5.12 4.02 36.76
C PHE D 5 -6.03 3.04 36.03
N ILE D 6 -7.00 3.58 35.29
CA ILE D 6 -7.94 2.77 34.53
C ILE D 6 -7.79 3.06 33.05
N PHE D 7 -7.96 2.04 32.22
CA PHE D 7 -7.70 2.13 30.79
C PHE D 7 -8.83 1.52 29.99
N PRO D 8 -9.19 2.13 28.86
CA PRO D 8 -10.28 1.64 28.03
C PRO D 8 -9.83 0.46 27.19
N PRO D 9 -10.75 -0.21 26.52
CA PRO D 9 -10.35 -1.26 25.58
C PRO D 9 -9.66 -0.63 24.38
N LYS D 10 -8.87 -1.43 23.68
CA LYS D 10 -8.35 -0.99 22.40
C LYS D 10 -9.50 -0.85 21.41
N ILE D 11 -9.51 0.22 20.63
CA ILE D 11 -10.66 0.46 19.75
C ILE D 11 -10.84 -0.70 18.77
N LYS D 12 -9.75 -1.25 18.26
CA LYS D 12 -9.87 -2.37 17.33
C LYS D 12 -10.55 -3.55 18.02
N ASP D 13 -10.19 -3.81 19.28
CA ASP D 13 -10.78 -4.94 19.99
C ASP D 13 -12.28 -4.77 20.16
N VAL D 14 -12.73 -3.56 20.47
CA VAL D 14 -14.14 -3.38 20.79
C VAL D 14 -14.98 -3.23 19.53
N LEU D 15 -14.38 -2.86 18.40
CA LEU D 15 -15.13 -2.75 17.16
C LEU D 15 -15.22 -4.06 16.38
N MET D 16 -14.33 -5.01 16.63
CA MET D 16 -14.28 -6.27 15.92
C MET D 16 -14.87 -7.34 16.83
N ILE D 17 -16.01 -7.89 16.43
CA ILE D 17 -16.72 -8.84 17.28
C ILE D 17 -15.86 -10.07 17.55
N SER D 18 -14.95 -10.42 16.63
CA SER D 18 -14.07 -11.56 16.78
C SER D 18 -12.94 -11.33 17.79
N LEU D 19 -12.72 -10.10 18.24
CA LEU D 19 -11.62 -9.81 19.17
C LEU D 19 -12.17 -9.71 20.59
N SER D 20 -11.26 -9.54 21.56
CA SER D 20 -11.59 -9.66 22.98
C SER D 20 -11.26 -8.37 23.71
N PRO D 21 -12.21 -7.44 23.81
CA PRO D 21 -11.94 -6.17 24.50
C PRO D 21 -11.84 -6.36 26.00
N ILE D 22 -10.97 -5.56 26.61
CA ILE D 22 -10.69 -5.63 28.05
C ILE D 22 -10.61 -4.21 28.60
N VAL D 23 -11.16 -4.01 29.79
CA VAL D 23 -10.94 -2.79 30.56
C VAL D 23 -9.90 -3.10 31.63
N THR D 24 -8.92 -2.22 31.79
CA THR D 24 -7.79 -2.59 32.66
C THR D 24 -7.66 -1.61 33.83
N CYS D 25 -7.44 -2.16 35.02
CA CYS D 25 -7.18 -1.40 36.24
C CYS D 25 -5.77 -1.75 36.68
N VAL D 26 -4.90 -0.75 36.82
CA VAL D 26 -3.49 -0.95 37.18
C VAL D 26 -3.22 -0.24 38.50
N VAL D 27 -2.69 -0.97 39.46
CA VAL D 27 -2.34 -0.42 40.77
C VAL D 27 -0.81 -0.37 40.82
N VAL D 28 -0.27 0.83 40.89
CA VAL D 28 1.17 1.01 40.86
C VAL D 28 1.64 1.32 42.27
N ASP D 29 2.92 1.03 42.54
CA ASP D 29 3.56 1.34 43.84
C ASP D 29 2.97 0.48 44.94
N VAL D 30 2.72 -0.77 44.61
CA VAL D 30 2.40 -1.76 45.63
C VAL D 30 3.68 -2.20 46.33
N SER D 31 3.58 -2.41 47.63
CA SER D 31 4.71 -2.83 48.46
C SER D 31 4.59 -4.30 48.84
N GLU D 32 5.75 -4.95 48.94
CA GLU D 32 5.81 -6.32 49.47
C GLU D 32 5.35 -6.39 50.93
N ASP D 33 5.32 -5.26 51.64
CA ASP D 33 4.77 -5.25 52.99
C ASP D 33 3.29 -5.61 53.00
N ASP D 34 2.56 -5.18 51.96
CA ASP D 34 1.11 -5.39 51.84
C ASP D 34 0.81 -5.70 50.38
N PRO D 35 1.17 -6.90 49.92
CA PRO D 35 1.08 -7.20 48.49
C PRO D 35 -0.28 -7.73 48.06
N ASP D 36 -1.17 -8.03 49.01
CA ASP D 36 -2.43 -8.72 48.71
C ASP D 36 -3.50 -7.71 48.33
N VAL D 37 -3.35 -7.14 47.13
CA VAL D 37 -4.25 -6.12 46.65
C VAL D 37 -5.52 -6.79 46.12
N GLN D 38 -6.67 -6.23 46.49
CA GLN D 38 -7.98 -6.72 46.08
C GLN D 38 -8.62 -5.75 45.09
N ILE D 39 -9.01 -6.24 43.93
CA ILE D 39 -9.64 -5.42 42.90
C ILE D 39 -11.01 -6.01 42.57
N SER D 40 -12.08 -5.25 42.79
CA SER D 40 -13.45 -5.64 42.49
C SER D 40 -13.93 -4.85 41.29
N TRP D 41 -14.86 -5.39 40.50
CA TRP D 41 -15.29 -4.77 39.24
C TRP D 41 -16.80 -4.67 39.15
N PHE D 42 -17.28 -3.58 38.56
CA PHE D 42 -18.71 -3.36 38.48
C PHE D 42 -19.02 -2.79 37.09
N VAL D 43 -20.11 -3.25 36.51
CA VAL D 43 -20.63 -2.74 35.24
C VAL D 43 -21.99 -2.12 35.54
N ASN D 44 -22.11 -0.81 35.34
CA ASN D 44 -23.24 -0.02 35.85
C ASN D 44 -23.60 -0.42 37.27
N ASN D 45 -22.59 -0.47 38.13
CA ASN D 45 -22.72 -0.73 39.56
C ASN D 45 -23.20 -2.15 39.88
N VAL D 46 -23.31 -3.05 38.91
CA VAL D 46 -23.55 -4.46 39.17
C VAL D 46 -22.22 -5.18 39.20
N GLU D 47 -21.92 -5.88 40.29
CA GLU D 47 -20.60 -6.45 40.43
C GLU D 47 -20.42 -7.66 39.53
N VAL D 48 -19.22 -7.79 38.94
CA VAL D 48 -18.87 -8.89 38.06
C VAL D 48 -17.56 -9.48 38.55
N HIS D 49 -17.34 -10.76 38.21
CA HIS D 49 -16.35 -11.56 38.92
C HIS D 49 -15.33 -12.25 38.00
N THR D 50 -15.22 -11.82 36.75
CA THR D 50 -14.43 -12.55 35.76
C THR D 50 -13.05 -11.94 35.51
N ALA D 51 -12.68 -10.86 36.18
CA ALA D 51 -11.40 -10.21 35.89
C ALA D 51 -10.21 -11.13 36.20
N GLN D 52 -9.15 -10.94 35.42
CA GLN D 52 -7.90 -11.68 35.54
C GLN D 52 -6.89 -10.73 36.18
N THR D 53 -6.40 -11.08 37.38
CA THR D 53 -5.58 -10.17 38.16
C THR D 53 -4.23 -10.81 38.46
N GLN D 54 -3.15 -10.07 38.21
CA GLN D 54 -1.80 -10.60 38.34
C GLN D 54 -0.89 -9.54 38.95
N THR D 55 0.08 -10.00 39.75
CA THR D 55 1.10 -9.14 40.32
C THR D 55 2.40 -9.27 39.53
N HIS D 56 3.04 -8.12 39.29
CA HIS D 56 4.26 -7.98 38.52
C HIS D 56 5.29 -7.26 39.39
N ARG D 57 6.55 -7.66 39.30
CA ARG D 57 7.63 -6.93 39.94
C ARG D 57 8.25 -5.98 38.93
N GLU D 58 8.34 -4.70 39.30
CA GLU D 58 8.91 -3.64 38.47
C GLU D 58 10.30 -3.33 39.00
N ASP D 59 11.32 -3.84 38.30
CA ASP D 59 12.71 -3.71 38.72
C ASP D 59 13.28 -2.33 38.45
N TYR D 60 12.64 -1.51 37.60
CA TYR D 60 13.11 -0.15 37.38
C TYR D 60 13.28 0.61 38.69
N ASN D 61 12.35 0.42 39.64
CA ASN D 61 12.43 1.11 40.93
C ASN D 61 12.03 0.20 42.09
N SER D 62 12.16 -1.11 41.91
CA SER D 62 11.90 -2.10 42.95
C SER D 62 10.51 -1.93 43.58
N THR D 63 9.49 -1.82 42.74
CA THR D 63 8.12 -1.75 43.24
C THR D 63 7.31 -2.91 42.70
N LEU D 64 6.08 -3.02 43.20
CA LEU D 64 5.13 -3.96 42.65
C LEU D 64 4.00 -3.22 41.94
N ARG D 65 3.42 -3.96 40.99
CA ARG D 65 2.34 -3.49 40.14
C ARG D 65 1.32 -4.60 40.01
N VAL D 66 0.06 -4.29 40.28
CA VAL D 66 -1.02 -5.26 40.14
C VAL D 66 -1.89 -4.85 38.95
N VAL D 67 -2.10 -5.77 38.02
CA VAL D 67 -2.85 -5.48 36.80
C VAL D 67 -4.11 -6.36 36.81
N SER D 68 -5.27 -5.73 36.72
CA SER D 68 -6.54 -6.46 36.70
C SER D 68 -7.22 -6.17 35.37
N ALA D 69 -7.47 -7.22 34.59
CA ALA D 69 -7.96 -7.12 33.22
C ALA D 69 -9.34 -7.75 33.18
N LEU D 70 -10.37 -6.91 33.00
CA LEU D 70 -11.77 -7.35 32.97
C LEU D 70 -12.20 -7.56 31.53
N PRO D 71 -12.56 -8.78 31.13
CA PRO D 71 -13.12 -8.95 29.78
C PRO D 71 -14.53 -8.41 29.71
N ILE D 72 -14.82 -7.66 28.65
CA ILE D 72 -16.10 -6.98 28.58
C ILE D 72 -16.79 -7.37 27.29
N GLN D 73 -18.11 -7.17 27.28
CA GLN D 73 -18.92 -7.36 26.09
C GLN D 73 -18.86 -6.10 25.23
N HIS D 74 -18.58 -6.30 23.94
CA HIS D 74 -18.43 -5.19 23.00
C HIS D 74 -19.56 -4.18 23.14
N GLN D 75 -20.80 -4.68 23.13
CA GLN D 75 -21.96 -3.79 23.14
C GLN D 75 -22.08 -3.01 24.44
N ASP D 76 -21.62 -3.57 25.57
CA ASP D 76 -21.66 -2.80 26.82
C ASP D 76 -20.77 -1.57 26.75
N TRP D 77 -19.58 -1.69 26.15
CA TRP D 77 -18.77 -0.51 25.93
C TRP D 77 -19.48 0.44 24.98
N MET D 78 -19.96 -0.08 23.84
CA MET D 78 -20.49 0.81 22.81
C MET D 78 -21.75 1.54 23.27
N SER D 79 -22.55 0.93 24.16
CA SER D 79 -23.78 1.57 24.63
C SER D 79 -23.55 2.51 25.82
N GLY D 80 -22.31 2.67 26.27
CA GLY D 80 -22.00 3.65 27.29
C GLY D 80 -22.07 3.18 28.72
N LYS D 81 -22.08 1.88 28.98
CA LYS D 81 -22.10 1.42 30.36
C LYS D 81 -20.81 1.83 31.07
N GLU D 82 -20.91 2.02 32.38
CA GLU D 82 -19.76 2.43 33.16
C GLU D 82 -19.08 1.21 33.78
N PHE D 83 -17.75 1.22 33.69
CA PHE D 83 -16.91 0.14 34.15
C PHE D 83 -16.09 0.70 35.31
N LYS D 84 -16.20 0.10 36.48
CA LYS D 84 -15.62 0.66 37.69
C LYS D 84 -14.81 -0.43 38.39
N CYS D 85 -13.57 -0.10 38.76
CA CYS D 85 -12.78 -0.98 39.62
C CYS D 85 -12.68 -0.33 40.99
N LYS D 86 -12.70 -1.16 42.02
CA LYS D 86 -12.57 -0.76 43.42
C LYS D 86 -11.39 -1.51 44.02
N VAL D 87 -10.42 -0.76 44.52
CA VAL D 87 -9.14 -1.30 44.95
C VAL D 87 -9.09 -1.18 46.47
N ASN D 88 -8.91 -2.34 47.11
CA ASN D 88 -8.78 -2.50 48.54
C ASN D 88 -7.38 -3.00 48.86
N ASN D 89 -6.80 -2.51 49.96
CA ASN D 89 -5.58 -3.10 50.46
C ASN D 89 -5.39 -2.67 51.90
N LYS D 90 -4.61 -3.44 52.64
CA LYS D 90 -4.40 -3.16 54.06
C LYS D 90 -3.68 -1.83 54.27
N ASP D 91 -2.90 -1.37 53.31
CA ASP D 91 -2.17 -0.11 53.44
C ASP D 91 -2.91 1.07 52.82
N LEU D 92 -4.19 0.92 52.47
CA LEU D 92 -4.96 2.07 52.00
C LEU D 92 -5.89 2.56 53.09
N PRO D 93 -5.91 3.86 53.37
CA PRO D 93 -6.83 4.38 54.40
C PRO D 93 -8.29 4.17 54.04
N ALA D 94 -8.62 4.26 52.76
CA ALA D 94 -9.94 3.98 52.24
C ALA D 94 -9.78 3.41 50.84
N PRO D 95 -10.76 2.66 50.35
CA PRO D 95 -10.67 2.11 48.99
C PRO D 95 -10.46 3.21 47.98
N ILE D 96 -9.89 2.82 46.83
CA ILE D 96 -9.76 3.72 45.68
C ILE D 96 -10.66 3.21 44.56
N GLU D 97 -11.44 4.10 43.95
CA GLU D 97 -12.33 3.68 42.89
C GLU D 97 -11.99 4.46 41.63
N ARG D 98 -12.08 3.78 40.50
CA ARG D 98 -11.89 4.41 39.19
C ARG D 98 -12.98 3.91 38.27
N THR D 99 -13.52 4.82 37.45
CA THR D 99 -14.59 4.50 36.52
C THR D 99 -14.21 5.01 35.14
N ILE D 100 -14.63 4.26 34.11
CA ILE D 100 -14.39 4.67 32.73
C ILE D 100 -15.59 4.23 31.89
N SER D 101 -15.85 4.99 30.82
CA SER D 101 -16.91 4.66 29.89
C SER D 101 -16.64 5.35 28.57
N LYS D 102 -17.33 4.87 27.54
CA LYS D 102 -17.22 5.47 26.21
C LYS D 102 -17.87 6.85 26.19
N PRO D 103 -17.15 7.91 25.85
CA PRO D 103 -17.77 9.24 25.85
C PRO D 103 -18.91 9.30 24.84
N LYS D 104 -19.92 10.11 25.16
CA LYS D 104 -20.99 10.36 24.21
C LYS D 104 -20.51 11.34 23.14
N GLY D 105 -21.18 11.31 21.99
CA GLY D 105 -20.82 12.28 20.96
C GLY D 105 -21.29 11.85 19.59
N SER D 106 -21.12 12.77 18.65
CA SER D 106 -21.50 12.50 17.28
C SER D 106 -20.55 11.49 16.65
N VAL D 107 -21.07 10.74 15.69
CA VAL D 107 -20.29 9.76 14.95
C VAL D 107 -20.22 10.22 13.50
N ARG D 108 -19.00 10.29 12.96
CA ARG D 108 -18.81 10.62 11.55
C ARG D 108 -17.76 9.67 10.98
N ALA D 109 -18.12 9.00 9.88
CA ALA D 109 -17.23 8.02 9.30
C ALA D 109 -16.06 8.73 8.61
N PRO D 110 -14.87 8.14 8.63
CA PRO D 110 -13.74 8.74 7.91
C PRO D 110 -13.89 8.63 6.41
N GLN D 111 -13.40 9.66 5.73
CA GLN D 111 -13.12 9.64 4.32
C GLN D 111 -11.69 9.12 4.18
N VAL D 112 -11.49 8.10 3.35
CA VAL D 112 -10.20 7.43 3.27
C VAL D 112 -9.70 7.53 1.83
N TYR D 113 -8.49 8.05 1.65
CA TYR D 113 -7.92 8.23 0.32
C TYR D 113 -6.49 7.72 0.33
N VAL D 114 -6.05 7.15 -0.78
CA VAL D 114 -4.64 6.79 -0.94
C VAL D 114 -4.06 7.72 -1.99
N LEU D 115 -2.88 8.25 -1.70
CA LEU D 115 -2.19 9.25 -2.50
C LEU D 115 -0.91 8.65 -3.04
N PRO D 116 -0.64 8.81 -4.34
CA PRO D 116 0.58 8.27 -4.94
C PRO D 116 1.78 9.07 -4.51
N PRO D 117 3.00 8.62 -4.81
CA PRO D 117 4.16 9.41 -4.46
C PRO D 117 4.10 10.75 -5.14
N PRO D 118 4.64 11.80 -4.52
CA PRO D 118 4.82 13.07 -5.24
C PRO D 118 5.73 12.86 -6.44
N GLU D 119 5.41 13.54 -7.54
CA GLU D 119 6.18 13.32 -8.76
C GLU D 119 7.66 13.60 -8.54
N GLU D 120 7.98 14.61 -7.75
CA GLU D 120 9.39 14.93 -7.50
C GLU D 120 10.09 13.90 -6.62
N LYS D 120 7.98 14.62 -7.75
CA LYS D 120 9.38 14.93 -7.47
C LYS D 120 10.09 13.76 -6.80
N GLU D 121 9.37 12.91 -6.08
CA GLU D 121 10.01 11.83 -5.33
C GLU D 121 10.34 10.64 -6.21
N MET D 122 9.73 10.56 -7.40
CA MET D 122 9.86 9.40 -8.27
C MET D 122 11.28 9.11 -8.76
N THR D 123 12.23 10.04 -8.57
CA THR D 123 13.61 9.76 -8.96
C THR D 123 14.40 9.01 -7.88
N LYS D 124 13.80 8.71 -6.74
CA LYS D 124 14.53 8.06 -5.65
C LYS D 124 14.36 6.55 -5.69
N LYS D 125 15.20 5.87 -4.90
CA LYS D 125 15.12 4.41 -4.79
C LYS D 125 13.92 3.95 -3.97
N GLN D 126 13.33 4.84 -3.18
CA GLN D 126 12.20 4.52 -2.32
C GLN D 126 11.20 5.66 -2.43
N VAL D 127 9.91 5.33 -2.46
CA VAL D 127 8.87 6.33 -2.63
C VAL D 127 7.85 6.19 -1.50
N THR D 128 7.05 7.22 -1.32
CA THR D 128 6.12 7.32 -0.21
C THR D 128 4.68 7.21 -0.71
N SER D 128 7.06 7.24 -1.31
CA SER D 128 6.11 7.35 -0.21
C SER D 128 4.68 7.20 -0.73
N LEU D 129 3.94 6.27 -0.14
CA LEU D 129 2.51 6.13 -0.41
C LEU D 129 1.80 6.69 0.81
N THR D 130 0.79 7.53 0.60
CA THR D 130 0.19 8.24 1.71
C THR D 130 -1.27 7.85 1.86
N CYS D 131 -1.66 7.40 3.05
CA CYS D 131 -3.06 7.17 3.34
C CYS D 131 -3.57 8.36 4.15
N LEU D 132 -4.49 9.11 3.55
CA LEU D 132 -5.11 10.27 4.19
C LEU D 132 -6.47 9.84 4.73
N MET D 132 -4.51 9.09 3.57
CA MET D 132 -5.11 10.25 4.18
C MET D 132 -6.48 9.85 4.72
N VAL D 133 -6.66 10.00 6.04
CA VAL D 133 -7.90 9.57 6.71
C VAL D 133 -8.46 10.80 7.40
N LYS D 134 -9.63 11.25 6.97
CA LYS D 134 -10.08 12.59 7.32
C LYS D 134 -11.55 12.58 7.72
N THR D 134 -9.62 11.27 6.96
CA THR D 134 -10.10 12.59 7.35
C THR D 134 -11.55 12.54 7.80
N ASP D 135 -11.95 13.63 8.47
CA ASP D 135 -13.35 13.94 8.72
C ASP D 135 -14.04 12.90 9.60
N PHE D 136 -13.37 12.43 10.65
CA PHE D 136 -13.95 11.36 11.44
C PHE D 136 -14.10 11.78 12.89
N MET D 137 -15.12 11.21 13.55
CA MET D 137 -15.49 11.44 14.95
C MET D 137 -16.06 10.12 15.46
N PRO D 138 -15.68 9.67 16.67
CA PRO D 138 -14.69 10.26 17.57
C PRO D 138 -13.28 9.98 17.07
N GLU D 139 -12.24 10.35 17.82
CA GLU D 139 -10.88 10.22 17.32
C GLU D 139 -10.38 8.78 17.33
N ASP D 140 -11.05 7.90 18.05
CA ASP D 140 -10.61 6.51 18.20
C ASP D 140 -10.64 5.81 16.84
N ILE D 141 -9.50 5.29 16.40
CA ILE D 141 -9.39 4.75 15.04
C ILE D 141 -8.20 3.81 14.99
N TYR D 142 -8.26 2.86 14.06
CA TYR D 142 -7.13 1.95 13.82
C TYR D 142 -6.87 1.95 12.33
N VAL D 143 -5.61 2.18 11.93
CA VAL D 143 -5.25 2.28 10.52
C VAL D 143 -4.01 1.44 10.27
N GLU D 144 -4.01 0.68 9.16
CA GLU D 144 -2.81 -0.03 8.75
C GLU D 144 -2.71 -0.09 7.23
N TRP D 145 -1.52 -0.38 6.73
CA TRP D 145 -1.33 -0.71 5.33
C TRP D 145 -1.18 -2.21 5.19
N THR D 146 -1.70 -2.74 4.08
CA THR D 146 -1.59 -4.15 3.76
C THR D 146 -1.09 -4.30 2.32
N ASN D 147 -0.37 -5.40 2.10
CA ASN D 147 0.12 -5.84 0.81
C ASN D 147 -0.10 -7.33 0.68
N ASN D 148 -0.59 -7.77 -0.48
CA ASN D 148 -0.78 -9.21 -0.71
C ASN D 148 -1.73 -9.82 0.30
N GLY D 149 -2.67 -9.02 0.82
CA GLY D 149 -3.54 -9.48 1.87
C GLY D 149 -2.91 -9.54 3.24
N LYS D 150 -1.59 -9.27 3.34
CA LYS D 150 -0.84 -9.37 4.59
C LYS D 150 -0.29 -8.01 5.01
N THR D 151 -0.47 -7.67 6.29
CA THR D 151 -0.12 -6.35 6.81
C THR D 151 1.34 -6.01 6.55
N GLU D 152 1.58 -4.80 6.02
CA GLU D 152 2.94 -4.32 5.83
C GLU D 152 3.62 -4.11 7.17
N LEU D 153 4.92 -3.90 7.11
CA LEU D 153 5.70 -3.57 8.29
C LEU D 153 6.17 -2.13 8.29
N ASN D 154 6.59 -1.61 7.15
CA ASN D 154 7.27 -0.32 7.12
C ASN D 154 6.29 0.81 6.81
N TYR D 155 5.29 0.94 7.69
CA TYR D 155 4.39 2.08 7.66
C TYR D 155 4.38 2.70 9.04
N LYS D 156 4.09 4.01 9.08
CA LYS D 156 4.01 4.76 10.34
C LYS D 156 2.81 5.68 10.31
N ASN D 157 2.09 5.76 11.41
CA ASN D 157 0.89 6.58 11.48
C ASN D 157 1.18 7.84 12.28
N THR D 158 0.49 8.92 11.92
CA THR D 158 0.41 10.07 12.81
C THR D 158 -0.72 9.82 13.82
N GLU D 159 -0.65 10.55 14.92
CA GLU D 159 -1.79 10.53 15.82
C GLU D 159 -2.88 11.43 15.25
N PRO D 160 -4.15 11.15 15.54
CA PRO D 160 -5.23 12.00 15.01
C PRO D 160 -5.11 13.43 15.53
N VAL D 161 -5.41 14.37 14.65
CA VAL D 161 -5.36 15.80 14.94
C VAL D 161 -6.77 16.34 14.84
N LEU D 162 -7.15 17.18 15.81
CA LEU D 162 -8.46 17.83 15.81
C LEU D 162 -8.49 18.91 14.73
N LYS D 163 -9.42 18.79 13.79
CA LYS D 163 -9.53 19.77 12.72
C LYS D 163 -10.45 20.92 13.15
N ASP D 163 -9.44 18.79 13.81
CA ASP D 163 -9.59 19.75 12.73
C ASP D 163 -10.39 20.96 13.21
N SER D 164 -10.46 21.97 12.33
CA SER D 164 -11.22 23.18 12.66
C SER D 164 -12.70 22.88 12.90
N ASP D 165 -13.29 22.00 12.10
CA ASP D 165 -14.72 21.72 12.19
C ASP D 165 -15.10 20.77 13.33
N GLY D 166 -14.15 20.34 14.16
CA GLY D 166 -14.45 19.41 15.22
C GLY D 166 -14.22 17.95 14.87
N SER D 167 -13.94 17.64 13.61
CA SER D 167 -13.61 16.30 13.15
C SER D 167 -12.11 16.06 13.31
N TYR D 168 -11.69 14.81 13.12
CA TYR D 168 -10.26 14.56 13.20
C TYR D 168 -9.73 14.02 11.88
N PHE D 169 -8.41 14.11 11.73
CA PHE D 169 -7.74 13.54 10.57
C PHE D 169 -6.39 12.98 11.01
N MET D 170 -5.89 12.03 10.23
CA MET D 170 -4.56 11.47 10.44
C MET D 170 -4.02 11.03 9.10
N TYR D 171 -2.74 10.66 9.10
CA TYR D 171 -2.09 10.12 7.93
C TYR D 171 -1.36 8.83 8.28
N SER D 172 -1.26 7.93 7.30
CA SER D 172 -0.44 6.74 7.42
C SER D 172 0.54 6.70 6.25
N LYS D 173 1.83 6.70 6.56
CA LYS D 173 2.89 6.79 5.58
C LYS D 173 3.51 5.42 5.35
N ASP D 173 1.84 6.69 6.57
CA ASP D 173 2.93 6.80 5.61
C ASP D 173 3.52 5.42 5.35
N LEU D 174 3.47 4.96 4.11
CA LEU D 174 4.05 3.68 3.70
C LEU D 174 5.24 3.95 2.79
N ARG D 175 6.42 3.51 3.22
CA ARG D 175 7.64 3.57 2.43
C ARG D 175 7.80 2.26 1.68
N THR D 175 6.42 3.52 3.21
CA THR D 175 7.61 3.64 2.37
C THR D 175 7.88 2.32 1.69
N VAL D 176 7.94 2.34 0.35
CA VAL D 176 8.19 1.16 -0.45
C VAL D 176 9.37 1.41 -1.38
N GLU D 177 9.98 0.33 -1.84
CA GLU D 177 11.01 0.44 -2.86
C GLU D 177 10.38 0.89 -4.17
N LYS D 178 11.01 1.85 -4.87
CA LYS D 178 10.44 2.29 -6.15
C LYS D 178 10.14 1.11 -7.06
N LYS D 179 11.03 0.12 -7.04
CA LYS D 179 10.82 -1.10 -7.81
C LYS D 179 9.46 -1.72 -7.55
N ASN D 180 9.08 -1.82 -6.26
CA ASN D 180 7.82 -2.46 -5.92
C ASN D 180 6.61 -1.60 -6.31
N TRP D 181 6.74 -0.28 -6.23
CA TRP D 181 5.65 0.59 -6.68
C TRP D 181 5.44 0.52 -8.19
N VAL D 182 6.52 0.55 -8.97
CA VAL D 182 6.38 0.53 -10.42
C VAL D 182 5.85 -0.82 -10.88
N GLU D 183 6.28 -1.91 -10.24
CA GLU D 183 5.84 -3.24 -10.58
C GLU D 183 4.41 -3.49 -10.06
N ARG D 184 3.86 -4.65 -10.40
CA ARG D 184 2.49 -4.97 -10.03
C ARG D 184 2.37 -5.06 -8.51
N ASN D 185 1.32 -4.45 -7.97
CA ASN D 185 1.17 -4.42 -6.52
C ASN D 185 -0.29 -4.15 -6.17
N SER D 186 -0.61 -4.28 -4.89
CA SER D 186 -1.96 -4.02 -4.41
C SER D 186 -1.94 -3.32 -3.06
N TYR D 187 -1.03 -2.36 -2.88
CA TYR D 187 -0.93 -1.68 -1.60
C TYR D 187 -2.27 -1.05 -1.24
N SER D 188 -2.75 -1.33 -0.04
CA SER D 188 -4.09 -0.90 0.37
C SER D 188 -4.06 -0.41 1.80
N CYS D 189 -4.88 0.59 2.07
CA CYS D 189 -5.01 1.19 3.39
C CYS D 189 -6.29 0.67 4.03
N SER D 190 -6.17 0.08 5.22
CA SER D 190 -7.29 -0.51 5.95
C SER D 190 -7.60 0.32 7.20
N VAL D 191 -8.87 0.65 7.40
CA VAL D 191 -9.29 1.57 8.45
C VAL D 191 -10.43 0.93 9.24
N VAL D 192 -10.28 0.92 10.56
CA VAL D 192 -11.30 0.43 11.50
C VAL D 192 -11.79 1.63 12.29
N HIS D 193 -13.09 1.90 12.21
CA HIS D 193 -13.70 3.05 12.86
C HIS D 193 -15.19 2.78 13.07
N GLU D 194 -15.73 3.35 14.17
CA GLU D 194 -17.14 3.16 14.55
C GLU D 194 -18.10 3.59 13.45
N GLY D 195 -17.71 4.58 12.64
CA GLY D 195 -18.64 5.14 11.68
C GLY D 195 -18.76 4.37 10.38
N LEU D 196 -17.91 3.37 10.17
CA LEU D 196 -17.87 2.65 8.93
C LEU D 196 -18.82 1.46 8.96
N HIS D 197 -19.27 1.06 7.77
CA HIS D 197 -20.06 -0.16 7.61
C HIS D 197 -19.24 -1.37 8.01
N ASN D 198 -19.81 -2.20 8.89
CA ASN D 198 -19.09 -3.31 9.53
C ASN D 198 -17.80 -2.84 10.22
N HIS D 199 -17.75 -1.55 10.59
CA HIS D 199 -16.63 -0.94 11.31
C HIS D 199 -15.31 -1.01 10.54
N HIS D 200 -15.34 -1.20 9.23
CA HIS D 200 -14.10 -1.41 8.50
C HIS D 200 -14.24 -1.00 7.03
N THR D 201 -13.16 -0.44 6.49
CA THR D 201 -13.09 -0.21 5.05
C THR D 201 -11.64 -0.35 4.60
N THR D 202 -11.45 -0.63 3.32
CA THR D 202 -10.12 -0.66 2.71
C THR D 202 -10.15 0.10 1.40
N GLU D 203 -9.12 0.92 1.20
CA GLU D 203 -8.97 1.75 0.01
C GLU D 203 -7.72 1.34 -0.75
N LYS D 203 -9.16 0.96 1.20
CA LYS D 203 -9.02 1.73 -0.02
C LYS D 203 -7.75 1.34 -0.74
N SER D 204 -7.86 1.12 -2.04
CA SER D 204 -6.76 0.71 -2.90
C SER D 204 -6.59 1.75 -4.00
N PHE D 205 -5.45 1.70 -4.69
CA PHE D 205 -5.22 2.63 -5.79
C PHE D 205 -5.98 2.20 -7.04
N SER D 206 -6.18 3.16 -7.94
CA SER D 206 -6.85 2.92 -9.20
C SER D 206 -5.89 3.11 -10.37
N ARG D 207 -6.36 2.77 -11.56
CA ARG D 207 -5.58 2.82 -12.80
C ARG D 207 -4.97 4.20 -13.09
C1 NAG E . 20.03 -23.52 -24.20
C2 NAG E . 20.48 -22.46 -23.18
C3 NAG E . 19.81 -22.72 -21.83
C4 NAG E . 18.30 -22.85 -21.98
C5 NAG E . 17.96 -23.90 -23.04
C6 NAG E . 16.48 -24.01 -23.33
C7 NAG E . 22.73 -21.79 -23.87
C8 NAG E . 24.19 -21.86 -23.56
N2 NAG E . 21.92 -22.44 -23.04
O3 NAG E . 20.12 -21.65 -20.94
O4 NAG E . 17.73 -23.28 -20.74
O5 NAG E . 18.60 -23.55 -24.27
O6 NAG E . 15.95 -22.80 -23.84
O7 NAG E . 22.30 -21.17 -24.84
C1 NAG E . 17.07 -22.19 -20.07
C2 NAG E . 16.08 -22.78 -19.07
C3 NAG E . 15.34 -21.66 -18.34
C4 NAG E . 16.32 -20.65 -17.75
C5 NAG E . 17.37 -20.22 -18.78
C6 NAG E . 18.48 -19.39 -18.19
C7 NAG E . 15.23 -24.98 -19.72
C8 NAG E . 14.16 -25.73 -20.47
N2 NAG E . 15.13 -23.65 -19.75
O3 NAG E . 14.58 -22.27 -17.30
O4 NAG E . 15.60 -19.46 -17.39
O5 NAG E . 17.98 -21.37 -19.39
O6 NAG E . 19.43 -19.00 -19.18
O7 NAG E . 16.13 -25.56 -19.11
C1 BMA E . 14.89 -19.51 -16.08
C2 BMA E . 14.94 -18.12 -15.49
C3 BMA E . 14.13 -18.05 -14.20
C4 BMA E . 12.71 -18.66 -14.36
C5 BMA E . 12.78 -20.05 -15.06
C6 BMA E . 11.41 -20.59 -15.44
O2 BMA E . 14.34 -17.19 -16.38
O3 BMA E . 14.01 -16.70 -13.76
O4 BMA E . 12.11 -18.81 -13.09
O5 BMA E . 13.56 -19.94 -16.26
O6 BMA E . 11.62 -21.87 -16.05
C1 MAN E . 14.68 -16.53 -12.52
C2 MAN E . 14.18 -15.24 -11.92
C3 MAN E . 14.55 -14.13 -12.87
C4 MAN E . 16.08 -14.07 -13.07
C5 MAN E . 16.65 -15.45 -13.47
C6 MAN E . 18.15 -15.53 -13.32
O2 MAN E . 14.96 -14.98 -10.74
O3 MAN E . 14.07 -12.86 -12.43
O4 MAN E . 16.41 -13.12 -14.09
O5 MAN E . 16.08 -16.51 -12.64
O6 MAN E . 18.66 -16.50 -14.23
C1 NAG E . 14.40 -15.60 -9.60
C2 NAG E . 15.52 -15.82 -8.57
C3 NAG E . 14.93 -16.27 -7.22
C4 NAG E . 13.81 -15.33 -6.78
C5 NAG E . 12.77 -15.22 -7.89
C6 NAG E . 11.64 -14.27 -7.56
C7 NAG E . 17.57 -16.51 -9.76
C8 NAG E . 18.44 -17.66 -10.14
N2 NAG E . 16.48 -16.80 -9.04
O3 NAG E . 15.96 -16.30 -6.24
O4 NAG E . 13.21 -15.82 -5.59
O5 NAG E . 13.40 -14.73 -9.07
O6 NAG E . 10.54 -14.48 -8.44
O7 NAG E . 17.84 -15.35 -10.08
C1 MAN E . 10.34 -22.51 -16.39
C2 MAN E . 10.63 -23.99 -16.65
C3 MAN E . 11.48 -24.10 -17.94
C4 MAN E . 10.84 -23.34 -19.11
C5 MAN E . 10.47 -21.90 -18.73
C6 MAN E . 9.60 -21.23 -19.79
O2 MAN E . 9.42 -24.73 -16.89
O3 MAN E . 11.72 -25.45 -18.31
O4 MAN E . 11.74 -23.32 -20.23
O5 MAN E . 9.72 -21.89 -17.49
O6 MAN E . 9.05 -20.04 -19.25
C1 NAG F . -2.33 24.26 40.19
C2 NAG F . -1.23 23.25 40.49
C3 NAG F . -0.01 23.51 39.63
C4 NAG F . -0.38 23.60 38.14
C5 NAG F . -1.51 24.60 37.95
C6 NAG F . -2.02 24.67 36.53
C7 NAG F . -1.36 22.46 42.82
C8 NAG F . -0.87 22.66 44.23
N2 NAG F . -0.88 23.30 41.91
O3 NAG F . 0.94 22.47 39.83
O4 NAG F . 0.74 24.05 37.40
O5 NAG F . -2.63 24.24 38.78
O6 NAG F . -2.29 23.39 35.98
O7 NAG F . -2.16 21.57 42.53
C1 NAG F . 1.41 22.95 36.69
C2 NAG F . 2.23 23.53 35.55
C3 NAG F . 2.95 22.41 34.78
C4 NAG F . 3.71 21.50 35.73
C5 NAG F . 2.86 21.09 36.94
C6 NAG F . 3.65 20.36 38.02
C7 NAG F . 1.26 25.62 34.67
C8 NAG F . 0.33 26.22 33.65
N2 NAG F . 1.38 24.29 34.64
O3 NAG F . 3.84 23.02 33.85
O4 NAG F . 4.05 20.29 35.06
O5 NAG F . 2.26 22.22 37.56
O6 NAG F . 2.79 19.84 39.02
O7 NAG F . 1.88 26.31 35.48
C1 BMA F . 5.22 20.37 34.30
C2 BMA F . 5.88 19.00 34.33
C3 BMA F . 7.08 18.96 33.38
C4 BMA F . 6.74 19.52 31.98
C5 BMA F . 5.99 20.87 32.08
C6 BMA F . 5.43 21.33 30.75
O2 BMA F . 4.97 18.01 33.85
O3 BMA F . 7.57 17.62 33.24
O4 BMA F . 7.94 19.73 31.26
O5 BMA F . 4.88 20.74 32.98
O6 BMA F . 4.75 22.57 30.97
C1 MAN F . 8.87 17.49 33.88
C2 MAN F . 9.55 16.25 33.32
C3 MAN F . 8.69 15.05 33.69
C4 MAN F . 8.53 14.95 35.22
C5 MAN F . 8.03 16.29 35.83
C6 MAN F . 8.19 16.35 37.33
O2 MAN F . 10.79 16.03 34.01
O3 MAN F . 9.22 13.84 33.14
O4 MAN F . 7.60 13.92 35.53
O5 MAN F . 8.77 17.42 35.29
O6 MAN F . 7.21 17.23 37.85
C1 NAG F . 11.87 16.56 33.28
C2 NAG F . 13.03 16.86 34.24
C3 NAG F . 14.26 17.31 33.47
C4 NAG F . 14.61 16.32 32.36
C5 NAG F . 13.39 16.10 31.48
C6 NAG F . 13.61 15.07 30.40
C7 NAG F . 11.94 17.58 36.33
C8 NAG F . 11.65 18.74 37.24
N2 NAG F . 12.65 17.85 35.24
O3 NAG F . 15.37 17.44 34.36
O4 NAG F . 15.68 16.81 31.58
O5 NAG F . 12.30 15.63 32.28
O6 NAG F . 12.60 15.12 29.40
O7 NAG F . 11.55 16.44 36.58
C1 MAN F . 4.20 23.13 29.66
C2 MAN F . 3.83 24.59 29.87
C3 MAN F . 2.57 24.66 30.75
C4 MAN F . 1.44 23.79 30.17
C5 MAN F . 1.94 22.35 29.90
C6 MAN F . 0.93 21.53 29.11
O2 MAN F . 3.52 25.23 28.64
O3 MAN F . 2.11 25.99 30.93
O4 MAN F . 0.35 23.75 31.08
O5 MAN F . 3.15 22.39 29.11
O6 MAN F . 1.57 20.36 28.65
C1 NAG G . 20.17 -2.06 -14.31
C2 NAG G . 20.39 -3.34 -15.12
C3 NAG G . 19.56 -3.31 -16.40
C4 NAG G . 18.10 -3.01 -16.10
C5 NAG G . 17.99 -1.73 -15.28
C6 NAG G . 16.57 -1.43 -14.87
C7 NAG G . 22.63 -4.20 -14.60
C8 NAG G . 24.06 -4.28 -15.05
N2 NAG G . 21.80 -3.53 -15.42
O3 NAG G . 19.67 -4.58 -17.03
O4 NAG G . 17.37 -2.78 -17.31
O5 NAG G . 18.75 -1.87 -14.08
O6 NAG G . 15.98 -2.56 -14.25
O7 NAG G . 22.24 -4.69 -13.56
C1 NAG G . 16.66 -3.83 -17.73
C2 NAG G . 15.60 -3.32 -18.70
C3 NAG G . 14.78 -4.48 -19.25
C4 NAG G . 15.68 -5.58 -19.80
C5 NAG G . 16.81 -5.93 -18.84
C6 NAG G . 17.86 -6.81 -19.46
C7 NAG G . 14.83 -1.01 -18.40
C8 NAG G . 13.88 -0.12 -17.68
N2 NAG G . 14.75 -2.31 -18.09
O3 NAG G . 13.95 -3.97 -20.28
O4 NAG G . 14.94 -6.78 -19.96
O5 NAG G . 17.50 -4.75 -18.38
O6 NAG G . 18.87 -7.19 -18.53
O7 NAG G . 15.65 -0.58 -19.21
C1 BMA G . 14.27 -6.85 -21.17
C2 BMA G . 14.27 -8.32 -21.61
C3 BMA G . 13.41 -8.50 -22.88
C4 BMA G . 12.04 -7.84 -22.75
C5 BMA G . 12.14 -6.41 -22.21
C6 BMA G . 10.79 -5.84 -21.88
O2 BMA G . 13.69 -9.18 -20.60
O3 BMA G . 13.23 -9.88 -23.17
O4 BMA G . 11.44 -7.79 -24.04
O5 BMA G . 12.96 -6.38 -21.01
O6 BMA G . 10.97 -4.52 -21.40
C1 MAN G . 13.84 -10.21 -24.36
C2 MAN G . 13.31 -11.55 -24.83
C3 MAN G . 13.62 -12.57 -23.75
C4 MAN G . 15.14 -12.64 -23.49
C5 MAN G . 15.73 -11.21 -23.23
C6 MAN G . 17.23 -11.17 -23.32
O2 MAN G . 14.06 -12.02 -25.96
O3 MAN G . 13.11 -13.86 -24.08
O4 MAN G . 15.40 -13.47 -22.38
O5 MAN G . 15.23 -10.25 -24.20
O6 MAN G . 17.69 -10.09 -22.50
C1 NAG G . 13.54 -11.53 -27.11
C2 NAG G . 14.68 -11.47 -28.13
C3 NAG G . 14.16 -11.06 -29.51
C4 NAG G . 13.01 -11.96 -29.93
C5 NAG G . 11.93 -11.97 -28.86
C6 NAG G . 10.80 -12.91 -29.16
C7 NAG G . 16.92 -11.01 -27.24
C8 NAG G . 17.91 -9.97 -26.82
N2 NAG G . 15.74 -10.58 -27.68
O3 NAG G . 15.22 -11.12 -30.46
O4 NAG G . 12.45 -11.50 -31.15
O5 NAG G . 12.51 -12.39 -27.60
O6 NAG G . 10.68 -13.91 -28.14
O7 NAG G . 17.18 -12.21 -27.17
C1 MAN G . 9.78 -3.90 -21.21
C2 MAN G . 10.08 -2.43 -21.10
C3 MAN G . 10.92 -2.18 -19.83
C4 MAN G . 10.24 -2.75 -18.59
C5 MAN G . 9.82 -4.22 -18.81
C6 MAN G . 8.92 -4.74 -17.68
O2 MAN G . 8.89 -1.69 -20.92
O3 MAN G . 11.14 -0.82 -19.62
O4 MAN G . 11.12 -2.68 -17.46
O5 MAN G . 9.10 -4.35 -20.06
O6 MAN G . 8.34 -5.96 -18.15
C1 NAG G . 8.37 -1.29 -22.26
C2 NAG G . 6.86 -1.03 -22.19
C3 NAG G . 6.32 -0.56 -23.53
C4 NAG G . 7.13 0.63 -24.05
C5 NAG G . 8.61 0.26 -24.09
C6 NAG G . 9.48 1.41 -24.52
C7 NAG G . 5.82 -2.43 -20.45
C8 NAG G . 5.09 -3.71 -20.17
N2 NAG G . 6.14 -2.21 -21.73
O3 NAG G . 4.95 -0.20 -23.41
O4 NAG G . 6.68 0.98 -25.35
O5 NAG G . 9.04 -0.12 -22.78
O6 NAG G . 9.84 2.24 -23.41
O7 NAG G . 6.12 -1.64 -19.56
C1 NAG H . 8.10 3.04 39.54
C2 NAG H . 7.29 4.30 39.79
C3 NAG H . 5.92 4.20 39.13
C4 NAG H . 6.07 3.82 37.65
C5 NAG H . 6.93 2.58 37.51
C6 NAG H . 7.21 2.24 36.07
C7 NAG H . 8.04 5.29 41.90
C8 NAG H . 7.76 5.46 43.36
N2 NAG H . 7.15 4.55 41.21
O3 NAG H . 5.29 5.46 39.23
O4 NAG H . 4.80 3.51 37.09
O5 NAG H . 8.19 2.80 38.14
O6 NAG H . 7.68 3.40 35.41
O7 NAG H . 9.02 5.78 41.36
C1 NAG H . 4.22 4.54 36.35
C2 NAG H . 3.14 3.94 35.47
C3 NAG H . 2.44 5.04 34.66
C4 NAG H . 1.96 6.16 35.59
C5 NAG H . 3.07 6.61 36.56
C6 NAG H . 2.53 7.51 37.64
C7 NAG H . 3.41 1.61 34.74
C8 NAG H . 4.03 0.69 33.74
N2 NAG H . 3.66 2.92 34.58
O3 NAG H . 1.34 4.46 33.97
O4 NAG H . 1.64 7.32 34.83
O5 NAG H . 3.64 5.48 37.23
O6 NAG H . 3.57 8.01 38.47
O7 NAG H . 2.72 1.20 35.67
C1 BMA H . 0.34 7.31 34.29
C2 BMA H . -0.14 8.75 34.26
C3 BMA H . -1.48 8.88 33.52
C4 BMA H . -1.46 8.14 32.17
C5 BMA H . -0.87 6.73 32.31
C6 BMA H . -0.64 6.08 30.98
O2 BMA H . 0.84 9.60 33.57
O3 BMA H . -1.79 10.25 33.31
O4 BMA H . -2.79 8.04 31.67
O5 BMA H . 0.39 6.78 33.00
O6 BMA H . -0.11 4.78 31.21
C1 MAN H . -2.81 10.64 34.15
C2 MAN H . -3.37 11.97 33.67
C3 MAN H . -2.27 13.03 33.81
C4 MAN H . -1.80 13.13 35.27
C5 MAN H . -1.41 11.73 35.83
C6 MAN H . -1.27 11.72 37.34
O2 MAN H . -4.42 12.38 34.54
O3 MAN H . -2.69 14.30 33.35
O4 MAN H . -0.67 13.99 35.36
O5 MAN H . -2.43 10.73 35.50
O6 MAN H . -0.34 10.70 37.68
C1 NAG H . -5.59 11.93 34.05
C2 NAG H . -6.60 11.87 35.21
C3 NAG H . -8.01 11.57 34.69
C4 NAG H . -8.38 12.54 33.58
C5 NAG H . -7.32 12.50 32.48
C6 NAG H . -7.58 13.48 31.36
C7 NAG H . -5.34 11.12 37.18
C8 NAG H . -5.04 9.97 38.10
N2 NAG H . -6.20 10.88 36.19
O3 NAG H . -8.94 11.68 35.76
O4 NAG H . -9.66 12.19 33.04
O5 NAG H . -6.05 12.85 33.06
O6 NAG H . -6.43 13.60 30.52
O7 NAG H . -4.79 12.21 37.31
C1 MAN H . -0.04 4.15 30.04
C2 MAN H . 0.15 2.67 30.30
C3 MAN H . 1.54 2.42 30.89
C4 MAN H . 2.64 3.04 29.99
C5 MAN H . 2.35 4.53 29.71
C6 MAN H . 3.29 5.14 28.68
O2 MAN H . 0.15 1.91 29.08
O3 MAN H . 1.80 1.04 31.08
O4 MAN H . 3.92 2.92 30.60
O5 MAN H . 1.00 4.67 29.20
O6 MAN H . 2.74 6.42 28.33
C1 NAG H . -1.24 1.45 28.68
C2 NAG H . -1.18 1.09 27.20
C3 NAG H . -2.53 0.55 26.71
C4 NAG H . -2.98 -0.60 27.60
C5 NAG H . -3.02 -0.13 29.05
C6 NAG H . -3.42 -1.23 30.02
C7 NAG H . 0.47 2.45 25.97
C8 NAG H . 0.70 3.69 25.18
N2 NAG H . -0.78 2.25 26.40
O3 NAG H . -2.42 0.12 25.37
O4 NAG H . -4.28 -1.03 27.21
O5 NAG H . -1.71 0.31 29.44
O6 NAG H . -2.30 -1.86 30.61
O7 NAG H . 1.38 1.65 26.22
C1 NAG I . 9.00 -25.49 -15.55
C2 NAG I . 7.51 -25.86 -15.52
C3 NAG I . 7.16 -26.59 -14.22
C4 NAG I . 8.10 -27.78 -13.99
C5 NAG I . 9.54 -27.29 -14.04
C6 NAG I . 10.55 -28.41 -13.88
C7 NAG I . 6.57 -23.98 -16.79
C8 NAG I . 5.66 -22.78 -16.74
N2 NAG I . 6.68 -24.68 -15.66
O3 NAG I . 5.81 -27.04 -14.28
O4 NAG I . 7.85 -28.37 -12.73
O5 NAG I . 9.80 -26.67 -15.30
O6 NAG I . 11.04 -28.87 -15.13
O7 NAG I . 7.17 -24.28 -17.81
C1 FUC J . 14.02 -22.75 -23.54
C2 FUC J . 14.03 -21.35 -24.23
C3 FUC J . 14.33 -21.42 -25.73
C4 FUC J . 13.45 -22.47 -26.37
C5 FUC J . 13.82 -23.83 -25.80
C6 FUC J . 12.94 -24.96 -26.33
O2 FUC J . 14.92 -20.44 -23.58
O3 FUC J . 13.99 -20.18 -26.34
O4 FUC J . 12.08 -22.20 -26.11
O5 FUC J . 13.70 -23.88 -24.35
C1 NAG K . 4.81 25.93 28.11
C2 NAG K . 4.69 26.14 26.59
C3 NAG K . 5.91 26.89 26.05
C4 NAG K . 6.14 28.17 26.83
C5 NAG K . 6.25 27.84 28.32
C6 NAG K . 6.43 29.08 29.18
C7 NAG K . 3.40 24.22 25.72
C8 NAG K . 3.47 22.93 24.97
N2 NAG K . 4.56 24.85 25.91
O3 NAG K . 5.67 27.19 24.68
O4 NAG K . 7.36 28.79 26.40
O5 NAG K . 5.05 27.20 28.75
O6 NAG K . 5.22 29.49 29.79
O7 NAG K . 2.34 24.67 26.16
C1 FUC L . -2.46 23.28 33.91
C2 FUC L . -3.07 21.88 34.25
C3 FUC L . -4.45 21.96 34.92
C4 FUC L . -5.34 22.89 34.12
C5 FUC L . -4.74 24.29 34.17
C6 FUC L . -5.53 25.29 33.32
O2 FUC L . -2.18 21.08 35.04
O3 FUC L . -5.07 20.68 34.91
O4 FUC L . -5.43 22.45 32.77
O5 FUC L . -3.37 24.35 33.67
C1 FUC M . 14.12 -2.44 -14.34
C2 FUC M . 13.99 -3.91 -13.83
C3 FUC M . 14.49 -4.11 -12.40
C4 FUC M . 13.90 -3.06 -11.48
C5 FUC M . 14.40 -1.70 -11.93
C6 FUC M . 13.83 -0.56 -11.12
O2 FUC M . 14.60 -4.85 -14.73
O3 FUC M . 14.00 -5.36 -11.95
O4 FUC M . 12.46 -3.07 -11.54
O5 FUC M . 14.11 -1.40 -13.35
C1 FUC N . 7.60 3.18 33.66
C2 FUC N . 8.27 4.57 33.48
C3 FUC N . 9.75 4.59 33.84
C4 FUC N . 10.46 3.44 33.18
C5 FUC N . 9.90 2.14 33.74
C6 FUC N . 10.50 0.90 33.09
O2 FUC N . 7.56 5.60 34.20
O3 FUC N . 10.33 5.78 33.33
O4 FUC N . 10.26 3.48 31.78
O5 FUC N . 8.45 2.03 33.56
#